data_7ZND
#
_entry.id   7ZND
#
_cell.length_a   69.095
_cell.length_b   109.364
_cell.length_c   119.311
_cell.angle_alpha   90.000
_cell.angle_beta   90.000
_cell.angle_gamma   90.000
#
_symmetry.space_group_name_H-M   'P 21 21 21'
#
loop_
_entity.id
_entity.type
_entity.pdbx_description
1 polymer xenorhodopsin
2 non-polymer EICOSANE
3 non-polymer 'OLEIC ACID'
4 non-polymer '(2R)-2,3-dihydroxypropyl (9Z)-octadec-9-enoate'
5 non-polymer 'PHOSPHATE ION'
6 water water
#
_entity_poly.entity_id   1
_entity_poly.type   'polypeptide(L)'
_entity_poly.pdbx_seq_one_letter_code
;(FME)ISILHYGYSFIMLLGALYFYLLSKDPKGVPASEYLIAMVIPLWSGAAYLSIALGQGLFQYDDTTIYYARYIDWVI
STPLLLAALALTAMFGGKKNLTLLFSLVALDVFMIITGFVADLSIGTTKYIWYSLGVIALIIILVITFGPLRRIALSNGT
RLARHYTRVAIYLSALWVCYPTAWLLGPSGLGLAQELTEVLVFIILPIFS(LYR)VGFSIVDLHGLRKLHQSSYVHN
;
_entity_poly.pdbx_strand_id   A,B,C
#
loop_
_chem_comp.id
_chem_comp.type
_chem_comp.name
_chem_comp.formula
LFA non-polymer EICOSANE 'C20 H42'
OLA non-polymer 'OLEIC ACID' 'C18 H34 O2'
OLC non-polymer '(2R)-2,3-dihydroxypropyl (9Z)-octadec-9-enoate' 'C21 H40 O4'
PO4 non-polymer 'PHOSPHATE ION' 'O4 P -3'
#
# COMPACT_ATOMS: atom_id res chain seq x y z
N FME A 1 -2.11 -31.96 -14.26
CN FME A 1 -2.69 -32.08 -13.07
O1 FME A 1 -2.13 -31.97 -11.98
CA FME A 1 -0.71 -31.62 -14.41
CB FME A 1 -0.25 -31.78 -15.87
CG FME A 1 1.20 -31.40 -16.10
SD FME A 1 2.35 -32.74 -15.68
CE FME A 1 2.28 -33.73 -17.19
C FME A 1 -0.43 -30.20 -13.91
O FME A 1 0.55 -29.95 -13.23
N ILE A 2 -1.35 -29.29 -14.26
CA ILE A 2 -1.18 -27.88 -13.94
C ILE A 2 -1.08 -27.73 -12.42
N SER A 3 -1.95 -28.42 -11.67
CA SER A 3 -2.01 -28.41 -10.19
C SER A 3 -0.66 -28.83 -9.59
N ILE A 4 -0.11 -29.96 -10.07
CA ILE A 4 1.15 -30.56 -9.54
C ILE A 4 2.30 -29.59 -9.79
N LEU A 5 2.36 -29.01 -10.99
CA LEU A 5 3.44 -28.08 -11.42
C LEU A 5 3.51 -26.91 -10.43
N HIS A 6 2.34 -26.39 -10.03
CA HIS A 6 2.22 -25.22 -9.13
C HIS A 6 2.65 -25.61 -7.70
N TYR A 7 2.27 -26.81 -7.24
CA TYR A 7 2.70 -27.36 -5.93
C TYR A 7 4.23 -27.41 -5.88
N GLY A 8 4.85 -27.95 -6.93
CA GLY A 8 6.31 -28.05 -7.08
C GLY A 8 6.97 -26.68 -7.03
N TYR A 9 6.43 -25.72 -7.79
CA TYR A 9 6.88 -24.31 -7.81
C TYR A 9 6.91 -23.76 -6.38
N SER A 10 5.79 -23.86 -5.67
CA SER A 10 5.61 -23.34 -4.28
C SER A 10 6.68 -23.92 -3.36
N PHE A 11 7.02 -25.21 -3.51
CA PHE A 11 8.04 -25.93 -2.72
C PHE A 11 9.42 -25.35 -3.01
N ILE A 12 9.72 -25.07 -4.29
CA ILE A 12 11.02 -24.50 -4.73
C ILE A 12 11.15 -23.08 -4.17
N MET A 13 10.06 -22.30 -4.20
CA MET A 13 10.00 -20.94 -3.59
C MET A 13 10.38 -21.05 -2.10
N LEU A 14 9.76 -21.99 -1.39
CA LEU A 14 10.01 -22.22 0.06
C LEU A 14 11.50 -22.50 0.28
N LEU A 15 12.07 -23.43 -0.49
CA LEU A 15 13.52 -23.82 -0.42
C LEU A 15 14.38 -22.58 -0.64
N GLY A 16 14.11 -21.80 -1.69
CA GLY A 16 14.84 -20.56 -2.02
C GLY A 16 14.85 -19.60 -0.84
N ALA A 17 13.66 -19.34 -0.27
CA ALA A 17 13.44 -18.45 0.89
C ALA A 17 14.31 -18.91 2.06
N LEU A 18 14.28 -20.19 2.38
CA LEU A 18 15.06 -20.81 3.49
C LEU A 18 16.56 -20.56 3.24
N TYR A 19 17.03 -20.77 2.00
CA TYR A 19 18.45 -20.59 1.62
C TYR A 19 18.85 -19.14 1.92
N PHE A 20 18.03 -18.17 1.51
CA PHE A 20 18.29 -16.72 1.70
C PHE A 20 18.30 -16.39 3.19
N TYR A 21 17.43 -17.03 3.97
CA TYR A 21 17.39 -16.84 5.44
C TYR A 21 18.73 -17.31 6.04
N LEU A 22 19.20 -18.47 5.61
CA LEU A 22 20.49 -19.06 6.08
C LEU A 22 21.64 -18.12 5.71
N LEU A 23 21.68 -17.63 4.46
CA LEU A 23 22.67 -16.62 4.01
C LEU A 23 22.61 -15.41 4.93
N SER A 24 21.40 -14.96 5.29
CA SER A 24 21.15 -13.75 6.13
C SER A 24 21.83 -13.92 7.50
N LYS A 25 22.00 -15.15 7.97
CA LYS A 25 22.55 -15.46 9.32
C LYS A 25 24.04 -15.10 9.37
N ASP A 26 24.73 -15.18 8.23
CA ASP A 26 26.15 -14.75 8.06
C ASP A 26 26.22 -13.77 6.89
N PRO A 27 25.80 -12.50 7.10
CA PRO A 27 25.40 -11.63 5.99
C PRO A 27 26.53 -11.17 5.05
N LYS A 28 27.75 -11.05 5.57
CA LYS A 28 28.97 -10.66 4.79
C LYS A 28 28.76 -9.29 4.13
N GLY A 29 28.38 -8.27 4.92
CA GLY A 29 28.38 -6.86 4.50
C GLY A 29 27.12 -6.46 3.75
N VAL A 30 26.22 -7.43 3.47
CA VAL A 30 24.92 -7.21 2.78
C VAL A 30 23.89 -6.84 3.84
N PRO A 31 23.25 -5.65 3.73
CA PRO A 31 22.28 -5.20 4.73
C PRO A 31 21.12 -6.21 4.84
N ALA A 32 20.49 -6.26 6.01
CA ALA A 32 19.36 -7.17 6.33
C ALA A 32 18.19 -6.90 5.37
N SER A 33 17.97 -5.64 4.99
CA SER A 33 16.87 -5.20 4.09
C SER A 33 16.89 -6.02 2.80
N GLU A 34 18.08 -6.29 2.27
CA GLU A 34 18.28 -6.97 0.95
C GLU A 34 17.97 -8.46 1.10
N TYR A 35 18.25 -9.05 2.26
CA TYR A 35 17.89 -10.46 2.59
C TYR A 35 16.37 -10.57 2.75
N LEU A 36 15.75 -9.59 3.44
CA LEU A 36 14.28 -9.54 3.65
C LEU A 36 13.57 -9.52 2.29
N ILE A 37 13.96 -8.58 1.42
CA ILE A 37 13.42 -8.47 0.03
C ILE A 37 13.57 -9.83 -0.66
N ALA A 38 14.77 -10.41 -0.64
CA ALA A 38 15.10 -11.68 -1.31
C ALA A 38 14.15 -12.79 -0.83
N MET A 39 13.73 -12.74 0.44
CA MET A 39 12.89 -13.78 1.09
C MET A 39 11.42 -13.55 0.74
N VAL A 40 10.94 -12.30 0.79
CA VAL A 40 9.51 -11.95 0.59
C VAL A 40 9.09 -12.34 -0.83
N ILE A 41 9.94 -12.08 -1.82
CA ILE A 41 9.65 -12.30 -3.27
C ILE A 41 9.17 -13.74 -3.47
N PRO A 42 10.01 -14.76 -3.17
CA PRO A 42 9.62 -16.15 -3.40
C PRO A 42 8.45 -16.60 -2.51
N LEU A 43 8.43 -16.17 -1.25
CA LEU A 43 7.39 -16.56 -0.27
C LEU A 43 6.02 -16.10 -0.77
N TRP A 44 5.94 -14.86 -1.25
CA TRP A 44 4.67 -14.27 -1.78
C TRP A 44 4.24 -15.02 -3.04
N SER A 45 5.16 -15.19 -3.99
CA SER A 45 4.94 -15.91 -5.27
C SER A 45 4.49 -17.33 -4.96
N GLY A 46 5.17 -17.99 -4.01
CA GLY A 46 4.81 -19.33 -3.50
C GLY A 46 3.35 -19.40 -3.09
N ALA A 47 2.91 -18.47 -2.24
CA ALA A 47 1.52 -18.40 -1.72
C ALA A 47 0.54 -18.28 -2.88
N ALA A 48 0.77 -17.30 -3.76
CA ALA A 48 -0.08 -17.01 -4.94
C ALA A 48 -0.23 -18.30 -5.79
N TYR A 49 0.89 -18.92 -6.13
CA TYR A 49 0.93 -20.12 -7.00
C TYR A 49 0.30 -21.32 -6.28
N LEU A 50 0.38 -21.35 -4.94
CA LEU A 50 -0.27 -22.40 -4.11
C LEU A 50 -1.78 -22.31 -4.34
N SER A 51 -2.33 -21.10 -4.40
CA SER A 51 -3.77 -20.82 -4.64
C SER A 51 -4.20 -21.44 -5.97
N ILE A 52 -3.36 -21.34 -7.00
CA ILE A 52 -3.61 -21.95 -8.34
C ILE A 52 -3.58 -23.48 -8.20
N ALA A 53 -2.53 -24.00 -7.56
CA ALA A 53 -2.37 -25.44 -7.25
C ALA A 53 -3.67 -26.00 -6.63
N LEU A 54 -4.31 -25.22 -5.76
CA LEU A 54 -5.53 -25.63 -5.00
C LEU A 54 -6.79 -25.37 -5.85
N GLY A 55 -6.63 -24.69 -6.98
CA GLY A 55 -7.70 -24.44 -7.96
C GLY A 55 -8.54 -23.23 -7.58
N GLN A 56 -7.92 -22.23 -6.94
CA GLN A 56 -8.63 -21.03 -6.40
C GLN A 56 -8.23 -19.76 -7.16
N GLY A 57 -6.96 -19.64 -7.55
CA GLY A 57 -6.36 -18.39 -8.06
C GLY A 57 -6.62 -18.16 -9.55
N LEU A 58 -7.71 -18.74 -10.08
CA LEU A 58 -8.10 -18.66 -11.51
C LEU A 58 -9.62 -18.72 -11.63
N PHE A 59 -10.18 -18.14 -12.70
CA PHE A 59 -11.62 -18.23 -13.05
C PHE A 59 -11.78 -18.16 -14.58
N GLN A 60 -12.98 -18.47 -15.08
CA GLN A 60 -13.31 -18.52 -16.52
C GLN A 60 -13.87 -17.16 -16.97
N TYR A 61 -13.49 -16.70 -18.17
CA TYR A 61 -13.94 -15.41 -18.77
C TYR A 61 -13.67 -15.44 -20.28
N THR A 64 -12.02 -18.34 -21.71
CA THR A 64 -10.63 -18.76 -21.36
C THR A 64 -10.44 -18.68 -19.84
N THR A 65 -9.33 -19.25 -19.34
CA THR A 65 -8.93 -19.25 -17.91
C THR A 65 -8.04 -18.02 -17.63
N ILE A 66 -8.50 -17.13 -16.74
CA ILE A 66 -7.70 -15.99 -16.20
C ILE A 66 -7.03 -16.45 -14.89
N TYR A 67 -5.71 -16.62 -14.91
CA TYR A 67 -4.89 -16.95 -13.72
C TYR A 67 -4.58 -15.66 -12.97
N TYR A 68 -5.61 -15.07 -12.34
CA TYR A 68 -5.54 -13.73 -11.70
C TYR A 68 -4.54 -13.76 -10.54
N ALA A 69 -4.28 -14.94 -9.97
CA ALA A 69 -3.31 -15.13 -8.85
C ALA A 69 -1.92 -14.67 -9.29
N ARG A 70 -1.60 -14.79 -10.57
CA ARG A 70 -0.30 -14.39 -11.16
C ARG A 70 -0.09 -12.89 -10.95
N TYR A 71 -1.14 -12.10 -11.16
CA TYR A 71 -1.11 -10.61 -11.07
C TYR A 71 -0.97 -10.20 -9.61
N ILE A 72 -1.67 -10.89 -8.71
CA ILE A 72 -1.54 -10.69 -7.23
C ILE A 72 -0.08 -10.92 -6.85
N ASP A 73 0.53 -11.97 -7.43
CA ASP A 73 1.96 -12.33 -7.22
C ASP A 73 2.84 -11.17 -7.70
N TRP A 74 2.74 -10.83 -8.99
CA TRP A 74 3.66 -9.89 -9.70
C TRP A 74 3.54 -8.47 -9.12
N VAL A 75 2.34 -8.06 -8.70
CA VAL A 75 2.09 -6.66 -8.24
C VAL A 75 2.97 -6.39 -7.02
N ILE A 76 3.41 -7.44 -6.32
CA ILE A 76 4.26 -7.35 -5.10
C ILE A 76 5.70 -7.77 -5.45
N SER A 77 5.87 -8.95 -6.05
CA SER A 77 7.18 -9.59 -6.32
C SER A 77 8.02 -8.74 -7.30
N THR A 78 7.42 -8.20 -8.36
CA THR A 78 8.16 -7.52 -9.46
C THR A 78 8.70 -6.17 -8.98
N PRO A 79 7.92 -5.37 -8.22
CA PRO A 79 8.43 -4.10 -7.68
C PRO A 79 9.57 -4.34 -6.67
N LEU A 80 9.46 -5.42 -5.88
CA LEU A 80 10.50 -5.82 -4.90
C LEU A 80 11.77 -6.22 -5.65
N LEU A 81 11.64 -6.95 -6.75
CA LEU A 81 12.78 -7.37 -7.62
C LEU A 81 13.53 -6.13 -8.12
N LEU A 82 12.78 -5.10 -8.53
CA LEU A 82 13.34 -3.82 -9.04
C LEU A 82 14.06 -3.08 -7.90
N ALA A 83 13.44 -3.03 -6.71
CA ALA A 83 14.01 -2.44 -5.49
C ALA A 83 15.37 -3.11 -5.20
N ALA A 84 15.41 -4.44 -5.21
CA ALA A 84 16.63 -5.26 -5.02
C ALA A 84 17.70 -4.82 -6.03
N LEU A 85 17.34 -4.74 -7.31
CA LEU A 85 18.28 -4.37 -8.40
C LEU A 85 18.80 -2.95 -8.14
N ALA A 86 17.91 -2.03 -7.75
CA ALA A 86 18.22 -0.61 -7.49
C ALA A 86 19.20 -0.50 -6.32
N LEU A 87 18.95 -1.24 -5.23
CA LEU A 87 19.81 -1.25 -4.02
C LEU A 87 21.19 -1.80 -4.39
N THR A 88 21.24 -2.79 -5.29
CA THR A 88 22.51 -3.35 -5.82
C THR A 88 23.31 -2.22 -6.47
N ALA A 89 22.68 -1.42 -7.32
CA ALA A 89 23.31 -0.26 -8.01
C ALA A 89 23.86 0.73 -6.98
N MET A 90 23.20 0.84 -5.83
CA MET A 90 23.47 1.87 -4.80
C MET A 90 24.36 1.31 -3.69
N PHE A 91 24.77 0.04 -3.81
CA PHE A 91 25.63 -0.66 -2.82
C PHE A 91 26.94 0.11 -2.64
N GLY A 92 27.25 0.52 -1.41
CA GLY A 92 28.49 1.21 -1.03
C GLY A 92 28.41 2.71 -1.27
N GLY A 93 27.23 3.21 -1.64
CA GLY A 93 26.99 4.64 -1.94
C GLY A 93 25.72 5.16 -1.28
N LYS A 94 25.40 6.43 -1.50
CA LYS A 94 24.14 7.08 -1.05
C LYS A 94 22.98 6.48 -1.85
N LYS A 95 21.84 6.24 -1.19
CA LYS A 95 20.63 5.66 -1.83
C LYS A 95 19.84 6.78 -2.50
N ASN A 96 19.26 6.48 -3.66
CA ASN A 96 18.33 7.36 -4.41
C ASN A 96 16.94 6.71 -4.40
N LEU A 97 16.16 6.98 -3.35
CA LEU A 97 14.83 6.36 -3.12
C LEU A 97 13.83 6.91 -4.15
N THR A 98 14.05 8.14 -4.63
CA THR A 98 13.22 8.77 -5.69
C THR A 98 13.26 7.87 -6.93
N LEU A 99 14.45 7.59 -7.44
CA LEU A 99 14.66 6.68 -8.60
C LEU A 99 14.02 5.32 -8.29
N LEU A 100 14.26 4.79 -7.09
CA LEU A 100 13.76 3.46 -6.67
C LEU A 100 12.23 3.41 -6.76
N PHE A 101 11.54 4.41 -6.19
CA PHE A 101 10.05 4.46 -6.13
C PHE A 101 9.50 4.81 -7.51
N SER A 102 10.27 5.52 -8.35
CA SER A 102 9.96 5.73 -9.78
C SER A 102 9.77 4.37 -10.45
N LEU A 103 10.70 3.45 -10.22
CA LEU A 103 10.72 2.07 -10.78
C LEU A 103 9.54 1.28 -10.23
N VAL A 104 9.28 1.36 -8.92
CA VAL A 104 8.17 0.65 -8.23
C VAL A 104 6.84 1.08 -8.87
N ALA A 105 6.63 2.39 -8.99
CA ALA A 105 5.42 3.01 -9.57
C ALA A 105 5.20 2.50 -11.00
N LEU A 106 6.21 2.65 -11.86
CA LEU A 106 6.18 2.18 -13.27
C LEU A 106 5.79 0.70 -13.28
N ASP A 107 6.42 -0.09 -12.42
CA ASP A 107 6.29 -1.57 -12.38
C ASP A 107 4.86 -1.95 -11.99
N VAL A 108 4.34 -1.37 -10.90
CA VAL A 108 2.98 -1.68 -10.38
C VAL A 108 1.96 -1.37 -11.48
N PHE A 109 2.05 -0.18 -12.09
CA PHE A 109 1.22 0.24 -13.25
C PHE A 109 1.27 -0.85 -14.32
N MET A 110 2.47 -1.28 -14.68
CA MET A 110 2.73 -2.32 -15.71
C MET A 110 1.86 -3.56 -15.43
N ILE A 111 1.95 -4.11 -14.21
CA ILE A 111 1.21 -5.35 -13.81
C ILE A 111 -0.30 -5.09 -13.91
N ILE A 112 -0.76 -3.93 -13.43
CA ILE A 112 -2.20 -3.56 -13.43
C ILE A 112 -2.71 -3.55 -14.88
N THR A 113 -2.00 -2.89 -15.79
CA THR A 113 -2.36 -2.82 -17.24
C THR A 113 -2.51 -4.26 -17.76
N GLY A 114 -1.63 -5.17 -17.34
CA GLY A 114 -1.68 -6.59 -17.71
C GLY A 114 -2.98 -7.25 -17.27
N PHE A 115 -3.37 -7.05 -16.01
CA PHE A 115 -4.62 -7.58 -15.42
C PHE A 115 -5.83 -7.05 -16.20
N VAL A 116 -5.90 -5.73 -16.37
CA VAL A 116 -7.01 -5.04 -17.11
C VAL A 116 -7.06 -5.59 -18.54
N ALA A 117 -5.92 -5.62 -19.23
CA ALA A 117 -5.78 -6.15 -20.61
C ALA A 117 -6.36 -7.57 -20.67
N ASP A 118 -6.04 -8.40 -19.68
CA ASP A 118 -6.49 -9.82 -19.61
C ASP A 118 -8.01 -9.87 -19.47
N LEU A 119 -8.60 -8.90 -18.76
CA LEU A 119 -10.06 -8.81 -18.51
C LEU A 119 -10.75 -8.14 -19.72
N SER A 120 -9.97 -7.55 -20.63
CA SER A 120 -10.46 -6.77 -21.79
C SER A 120 -10.53 -7.66 -23.04
N ILE A 121 -11.18 -7.16 -24.09
CA ILE A 121 -11.36 -7.87 -25.39
C ILE A 121 -11.12 -6.86 -26.52
N GLY A 122 -10.62 -7.34 -27.67
CA GLY A 122 -10.38 -6.53 -28.87
C GLY A 122 -9.36 -5.44 -28.63
N THR A 123 -9.58 -4.27 -29.25
CA THR A 123 -8.64 -3.12 -29.28
C THR A 123 -8.30 -2.68 -27.85
N THR A 124 -9.29 -2.72 -26.94
CA THR A 124 -9.16 -2.29 -25.53
C THR A 124 -8.00 -3.07 -24.87
N LYS A 125 -7.99 -4.39 -25.06
CA LYS A 125 -6.94 -5.30 -24.52
C LYS A 125 -5.55 -4.75 -24.89
N TYR A 126 -5.34 -4.39 -26.16
CA TYR A 126 -4.00 -4.07 -26.72
C TYR A 126 -3.61 -2.63 -26.39
N ILE A 127 -4.59 -1.77 -26.08
CA ILE A 127 -4.32 -0.40 -25.55
C ILE A 127 -3.62 -0.57 -24.19
N TRP A 128 -4.21 -1.35 -23.29
CA TRP A 128 -3.69 -1.61 -21.93
C TRP A 128 -2.31 -2.31 -22.03
N TYR A 129 -2.24 -3.40 -22.81
CA TYR A 129 -0.98 -4.15 -23.07
C TYR A 129 0.12 -3.16 -23.48
N SER A 130 -0.21 -2.27 -24.41
CA SER A 130 0.71 -1.26 -25.00
C SER A 130 1.23 -0.32 -23.92
N LEU A 131 0.36 0.16 -23.04
CA LEU A 131 0.72 1.06 -21.92
C LEU A 131 1.71 0.33 -21.00
N GLY A 132 1.44 -0.95 -20.72
CA GLY A 132 2.33 -1.81 -19.91
C GLY A 132 3.69 -1.96 -20.57
N VAL A 133 3.73 -2.14 -21.89
CA VAL A 133 5.00 -2.31 -22.66
C VAL A 133 5.80 -1.00 -22.56
N ILE A 134 5.13 0.15 -22.66
CA ILE A 134 5.76 1.50 -22.57
C ILE A 134 6.43 1.64 -21.21
N ALA A 135 5.73 1.25 -20.14
CA ALA A 135 6.25 1.24 -18.75
C ALA A 135 7.53 0.39 -18.70
N LEU A 136 7.48 -0.83 -19.25
CA LEU A 136 8.62 -1.78 -19.28
C LEU A 136 9.82 -1.12 -19.98
N ILE A 137 9.59 -0.46 -21.10
CA ILE A 137 10.66 0.20 -21.90
C ILE A 137 11.33 1.28 -21.04
N ILE A 138 10.52 2.10 -20.37
CA ILE A 138 11.00 3.20 -19.48
C ILE A 138 11.83 2.60 -18.33
N ILE A 139 11.36 1.48 -17.76
CA ILE A 139 12.11 0.72 -16.72
C ILE A 139 13.47 0.29 -17.27
N LEU A 140 13.50 -0.21 -18.51
CA LEU A 140 14.75 -0.71 -19.16
C LEU A 140 15.68 0.48 -19.41
N VAL A 141 15.14 1.62 -19.82
CA VAL A 141 15.91 2.87 -20.09
C VAL A 141 16.58 3.30 -18.78
N ILE A 142 15.83 3.30 -17.68
CA ILE A 142 16.33 3.66 -16.32
C ILE A 142 17.41 2.66 -15.91
N THR A 143 17.16 1.36 -16.09
CA THR A 143 18.05 0.25 -15.66
C THR A 143 19.44 0.38 -16.31
N PHE A 144 19.50 0.63 -17.62
CA PHE A 144 20.76 0.64 -18.41
C PHE A 144 21.24 2.08 -18.60
N GLY A 145 20.50 3.05 -18.06
CA GLY A 145 20.84 4.48 -18.14
C GLY A 145 21.22 5.04 -16.77
N PRO A 146 20.36 5.87 -16.16
CA PRO A 146 20.68 6.53 -14.89
C PRO A 146 21.02 5.54 -13.76
N LEU A 147 20.33 4.40 -13.67
CA LEU A 147 20.55 3.42 -12.57
C LEU A 147 21.94 2.79 -12.72
N ARG A 148 22.36 2.51 -13.96
CA ARG A 148 23.70 1.93 -14.24
C ARG A 148 24.77 2.97 -13.92
N ARG A 149 24.50 4.25 -14.17
CA ARG A 149 25.45 5.36 -13.90
C ARG A 149 25.67 5.47 -12.39
N ILE A 150 24.63 5.22 -11.59
CA ILE A 150 24.73 5.14 -10.10
C ILE A 150 25.66 3.97 -9.76
N ALA A 151 25.42 2.80 -10.36
CA ALA A 151 26.28 1.59 -10.20
C ALA A 151 27.74 1.95 -10.48
N LEU A 152 28.00 2.63 -11.60
CA LEU A 152 29.37 3.04 -12.04
C LEU A 152 29.98 4.00 -11.02
N SER A 153 29.15 4.81 -10.34
CA SER A 153 29.59 5.81 -9.34
C SER A 153 30.05 5.10 -8.06
N ASN A 154 29.77 3.80 -7.95
CA ASN A 154 30.11 2.97 -6.75
C ASN A 154 31.26 2.02 -7.07
N GLY A 155 31.95 2.21 -8.19
CA GLY A 155 33.23 1.54 -8.48
C GLY A 155 33.10 0.40 -9.49
N THR A 156 34.24 0.02 -10.08
CA THR A 156 34.36 -0.99 -11.18
C THR A 156 33.71 -2.32 -10.77
N ARG A 157 34.06 -2.84 -9.60
CA ARG A 157 33.68 -4.22 -9.17
C ARG A 157 32.17 -4.29 -8.96
N LEU A 158 31.58 -3.32 -8.26
CA LEU A 158 30.13 -3.27 -7.99
C LEU A 158 29.39 -3.15 -9.34
N ALA A 159 29.84 -2.23 -10.19
CA ALA A 159 29.26 -1.95 -11.53
C ALA A 159 29.22 -3.23 -12.37
N ARG A 160 30.31 -4.01 -12.34
CA ARG A 160 30.44 -5.29 -13.08
C ARG A 160 29.33 -6.25 -12.61
N HIS A 161 29.12 -6.34 -11.29
CA HIS A 161 28.08 -7.22 -10.70
C HIS A 161 26.69 -6.70 -11.11
N TYR A 162 26.42 -5.41 -10.92
CA TYR A 162 25.12 -4.78 -11.27
C TYR A 162 24.77 -5.10 -12.73
N THR A 163 25.69 -4.83 -13.65
CA THR A 163 25.52 -5.03 -15.11
C THR A 163 25.06 -6.47 -15.36
N ARG A 164 25.72 -7.43 -14.70
CA ARG A 164 25.43 -8.87 -14.83
C ARG A 164 23.97 -9.14 -14.42
N VAL A 165 23.56 -8.67 -13.24
CA VAL A 165 22.20 -8.96 -12.67
C VAL A 165 21.17 -8.15 -13.47
N ALA A 166 21.52 -6.95 -13.92
CA ALA A 166 20.67 -6.08 -14.76
C ALA A 166 20.30 -6.81 -16.05
N ILE A 167 21.29 -7.43 -16.70
CA ILE A 167 21.10 -8.19 -17.98
C ILE A 167 20.25 -9.42 -17.69
N TYR A 168 20.59 -10.17 -16.64
CA TYR A 168 19.86 -11.36 -16.17
C TYR A 168 18.36 -11.04 -16.07
N LEU A 169 18.01 -10.06 -15.25
CA LEU A 169 16.59 -9.70 -14.93
C LEU A 169 15.91 -9.16 -16.19
N SER A 170 16.57 -8.25 -16.91
CA SER A 170 16.04 -7.59 -18.13
C SER A 170 15.65 -8.66 -19.16
N ALA A 171 16.46 -9.71 -19.29
CA ALA A 171 16.25 -10.82 -20.26
C ALA A 171 14.93 -11.54 -19.93
N LEU A 172 14.71 -11.82 -18.64
CA LEU A 172 13.48 -12.49 -18.14
C LEU A 172 12.28 -11.54 -18.30
N TRP A 173 12.47 -10.26 -17.97
N TRP A 173 12.47 -10.26 -17.98
CA TRP A 173 11.43 -9.21 -18.06
CA TRP A 173 11.43 -9.21 -18.04
C TRP A 173 10.73 -9.26 -19.41
C TRP A 173 10.73 -9.24 -19.42
N VAL A 174 11.51 -9.25 -20.51
CA VAL A 174 10.97 -9.15 -21.90
C VAL A 174 10.20 -10.41 -22.25
N CYS A 175 10.54 -11.55 -21.65
CA CYS A 175 9.93 -12.88 -21.92
C CYS A 175 8.44 -12.88 -21.52
N TYR A 176 8.11 -12.29 -20.37
CA TYR A 176 6.75 -12.33 -19.77
C TYR A 176 5.75 -11.69 -20.73
N PRO A 177 5.96 -10.43 -21.17
CA PRO A 177 5.03 -9.78 -22.07
C PRO A 177 4.95 -10.48 -23.44
N THR A 178 6.03 -11.15 -23.84
CA THR A 178 6.12 -11.93 -25.10
C THR A 178 5.21 -13.16 -24.98
N ALA A 179 5.35 -13.92 -23.89
CA ALA A 179 4.54 -15.12 -23.60
C ALA A 179 3.06 -14.74 -23.52
N TRP A 180 2.74 -13.72 -22.71
CA TRP A 180 1.37 -13.17 -22.54
C TRP A 180 0.73 -12.96 -23.91
N LEU A 181 1.40 -12.22 -24.79
CA LEU A 181 0.87 -11.80 -26.11
C LEU A 181 0.64 -13.04 -27.00
N LEU A 182 1.55 -14.01 -26.96
CA LEU A 182 1.51 -15.23 -27.81
C LEU A 182 0.43 -16.18 -27.29
N GLY A 183 0.19 -16.17 -25.98
CA GLY A 183 -0.65 -17.16 -25.27
C GLY A 183 -2.14 -16.81 -25.34
N PRO A 184 -3.00 -17.58 -24.63
CA PRO A 184 -4.44 -17.37 -24.65
C PRO A 184 -4.91 -15.96 -24.22
N SER A 185 -4.13 -15.24 -23.42
CA SER A 185 -4.46 -13.87 -22.93
C SER A 185 -4.36 -12.88 -24.10
N GLY A 186 -3.62 -13.25 -25.15
CA GLY A 186 -3.34 -12.36 -26.31
C GLY A 186 -3.85 -12.94 -27.61
N LEU A 187 -2.93 -13.30 -28.51
CA LEU A 187 -3.24 -13.72 -29.90
C LEU A 187 -3.70 -15.19 -29.92
N GLY A 188 -3.36 -15.95 -28.89
CA GLY A 188 -3.78 -17.37 -28.73
C GLY A 188 -3.09 -18.28 -29.73
N LEU A 189 -1.84 -17.98 -30.09
CA LEU A 189 -1.00 -18.84 -30.98
C LEU A 189 -0.45 -20.02 -30.18
N ALA A 190 -0.07 -19.79 -28.91
CA ALA A 190 0.53 -20.80 -28.02
C ALA A 190 -0.58 -21.50 -27.22
N GLN A 191 -0.45 -22.80 -27.02
CA GLN A 191 -1.41 -23.63 -26.23
C GLN A 191 -1.33 -23.22 -24.76
N GLU A 192 -2.42 -23.42 -24.00
CA GLU A 192 -2.53 -23.03 -22.57
C GLU A 192 -1.41 -23.72 -21.78
N LEU A 193 -1.18 -25.02 -22.02
CA LEU A 193 -0.20 -25.84 -21.27
C LEU A 193 1.20 -25.25 -21.45
N THR A 194 1.53 -24.78 -22.66
CA THR A 194 2.84 -24.16 -23.01
C THR A 194 3.03 -22.91 -22.14
N GLU A 195 2.03 -22.02 -22.12
CA GLU A 195 2.03 -20.77 -21.33
C GLU A 195 2.24 -21.13 -19.85
N VAL A 196 1.49 -22.11 -19.35
CA VAL A 196 1.53 -22.54 -17.92
C VAL A 196 2.97 -22.92 -17.55
N LEU A 197 3.64 -23.69 -18.41
CA LEU A 197 5.03 -24.16 -18.18
C LEU A 197 6.00 -22.97 -18.20
N VAL A 198 5.81 -22.03 -19.13
CA VAL A 198 6.65 -20.81 -19.29
C VAL A 198 6.55 -19.98 -18.00
N PHE A 199 5.33 -19.82 -17.46
CA PHE A 199 5.05 -19.01 -16.25
C PHE A 199 5.24 -19.86 -14.99
N ILE A 200 5.86 -21.03 -15.14
CA ILE A 200 6.37 -21.85 -14.00
C ILE A 200 7.90 -21.75 -13.99
N ILE A 201 8.53 -21.85 -15.16
CA ILE A 201 10.01 -21.97 -15.31
C ILE A 201 10.66 -20.59 -15.15
N LEU A 202 10.20 -19.59 -15.91
CA LEU A 202 10.71 -18.20 -15.86
C LEU A 202 10.74 -17.73 -14.41
N PRO A 203 9.60 -17.75 -13.69
CA PRO A 203 9.54 -17.27 -12.31
C PRO A 203 10.61 -17.87 -11.39
N ILE A 204 10.93 -19.15 -11.57
CA ILE A 204 11.97 -19.86 -10.78
C ILE A 204 13.31 -19.13 -10.95
N PHE A 205 13.64 -18.74 -12.18
CA PHE A 205 14.89 -18.02 -12.53
C PHE A 205 14.84 -16.58 -12.02
N SER A 206 13.66 -15.95 -12.03
CA SER A 206 13.45 -14.54 -11.63
C SER A 206 13.28 -14.41 -10.12
N LYR A 207 12.55 -15.35 -9.50
CA LYR A 207 12.18 -15.23 -8.10
C LYR A 207 13.27 -15.79 -7.19
O LYR A 207 13.46 -15.29 -6.08
CB LYR A 207 10.84 -15.92 -7.83
CG LYR A 207 9.67 -15.43 -8.69
CD LYR A 207 8.91 -14.26 -8.10
CE LYR A 207 8.37 -13.28 -9.14
NZ LYR A 207 7.85 -13.97 -10.32
C1 LYR A 207 7.50 -13.08 -11.42
C2 LYR A 207 8.69 -12.29 -11.91
C3 LYR A 207 8.70 -11.35 -12.92
C4 LYR A 207 9.93 -10.64 -13.26
C5 LYR A 207 7.55 -11.01 -13.68
C6 LYR A 207 7.45 -10.07 -14.70
C7 LYR A 207 6.32 -9.68 -15.42
C80 LYR A 207 6.22 -8.67 -16.42
C8 LYR A 207 7.45 -7.92 -16.75
C9 LYR A 207 5.02 -8.37 -17.08
C10 LYR A 207 4.86 -7.45 -18.09
C11 LYR A 207 3.67 -7.19 -18.87
C12 LYR A 207 3.65 -6.20 -19.78
C13 LYR A 207 4.85 -5.36 -20.15
C14 LYR A 207 2.42 -5.81 -20.54
C15 LYR A 207 1.13 -6.38 -19.96
C16 LYR A 207 1.31 -7.81 -19.63
C17 LYR A 207 2.45 -8.08 -18.64
C18 LYR A 207 1.90 -7.83 -17.21
C19 LYR A 207 2.82 -9.56 -18.76
N VAL A 208 13.97 -16.83 -7.65
CA VAL A 208 15.02 -17.45 -6.86
C VAL A 208 16.37 -17.18 -7.55
N GLY A 209 16.50 -17.55 -8.83
CA GLY A 209 17.73 -17.41 -9.61
C GLY A 209 18.38 -16.05 -9.41
N PHE A 210 17.61 -14.97 -9.58
CA PHE A 210 18.12 -13.57 -9.54
C PHE A 210 18.83 -13.31 -8.21
N SER A 211 18.16 -13.61 -7.10
CA SER A 211 18.65 -13.31 -5.73
C SER A 211 19.89 -14.16 -5.40
N ILE A 212 19.93 -15.40 -5.89
CA ILE A 212 21.14 -16.28 -5.76
C ILE A 212 22.32 -15.56 -6.41
N VAL A 213 22.19 -15.20 -7.68
CA VAL A 213 23.23 -14.45 -8.47
C VAL A 213 23.56 -13.15 -7.72
N ASP A 214 22.53 -12.37 -7.39
CA ASP A 214 22.65 -11.02 -6.78
C ASP A 214 23.42 -11.13 -5.45
N LEU A 215 22.91 -11.92 -4.51
CA LEU A 215 23.43 -12.03 -3.13
C LEU A 215 24.86 -12.56 -3.15
N HIS A 216 25.13 -13.62 -3.91
CA HIS A 216 26.47 -14.23 -4.04
C HIS A 216 27.46 -13.15 -4.52
N GLY A 217 27.09 -12.40 -5.57
CA GLY A 217 27.91 -11.31 -6.14
C GLY A 217 28.24 -10.25 -5.10
N LEU A 218 27.24 -9.80 -4.33
CA LEU A 218 27.37 -8.77 -3.27
C LEU A 218 28.25 -9.32 -2.13
N ARG A 219 27.94 -10.53 -1.66
CA ARG A 219 28.69 -11.22 -0.58
C ARG A 219 30.17 -11.32 -0.97
N LYS A 220 30.44 -11.57 -2.25
CA LYS A 220 31.81 -11.76 -2.81
C LYS A 220 32.62 -10.45 -2.66
N LEU A 221 31.93 -9.31 -2.67
CA LEU A 221 32.55 -7.96 -2.55
C LEU A 221 33.08 -7.75 -1.12
N HIS A 222 32.60 -8.57 -0.17
CA HIS A 222 33.02 -8.54 1.25
C HIS A 222 34.42 -9.15 1.38
N GLN A 223 35.29 -8.51 2.17
CA GLN A 223 36.70 -8.96 2.39
C GLN A 223 36.91 -9.22 3.89
N SER A 224 36.50 -10.41 4.36
CA SER A 224 36.68 -10.88 5.75
C SER A 224 37.92 -11.78 5.84
N FME B 1 -29.08 -7.31 18.01
CN FME B 1 -29.44 -6.32 17.19
O1 FME B 1 -28.96 -5.19 17.20
CA FME B 1 -28.05 -7.15 19.02
CB FME B 1 -27.99 -8.37 19.95
CG FME B 1 -26.91 -8.25 21.01
SD FME B 1 -27.19 -9.35 22.44
CE FME B 1 -25.75 -8.96 23.44
C FME B 1 -26.69 -6.91 18.38
O FME B 1 -25.91 -6.09 18.84
N ILE B 2 -26.43 -7.64 17.28
CA ILE B 2 -25.13 -7.58 16.62
C ILE B 2 -24.85 -6.14 16.17
N SER B 3 -25.85 -5.49 15.56
CA SER B 3 -25.77 -4.10 15.06
C SER B 3 -25.40 -3.14 16.19
N ILE B 4 -26.11 -3.24 17.33
CA ILE B 4 -25.95 -2.35 18.51
C ILE B 4 -24.53 -2.51 19.08
N LEU B 5 -24.07 -3.76 19.22
CA LEU B 5 -22.73 -4.09 19.77
C LEU B 5 -21.66 -3.37 18.96
N HIS B 6 -21.78 -3.38 17.63
CA HIS B 6 -20.80 -2.78 16.69
C HIS B 6 -20.84 -1.26 16.82
N TYR B 7 -22.02 -0.65 16.95
CA TYR B 7 -22.19 0.81 17.16
C TYR B 7 -21.44 1.22 18.42
N GLY B 8 -21.64 0.48 19.52
CA GLY B 8 -20.99 0.72 20.82
C GLY B 8 -19.48 0.64 20.70
N TYR B 9 -18.98 -0.40 20.01
CA TYR B 9 -17.54 -0.61 19.72
C TYR B 9 -16.98 0.64 19.04
N SER B 10 -17.60 1.06 17.95
CA SER B 10 -17.19 2.23 17.13
C SER B 10 -17.05 3.48 18.01
N PHE B 11 -17.99 3.67 18.95
CA PHE B 11 -18.04 4.82 19.88
C PHE B 11 -16.84 4.77 20.82
N ILE B 12 -16.52 3.57 21.34
CA ILE B 12 -15.37 3.33 22.25
C ILE B 12 -14.06 3.61 21.51
N MET B 13 -13.95 3.15 20.26
CA MET B 13 -12.80 3.42 19.37
C MET B 13 -12.61 4.94 19.26
N LEU B 14 -13.68 5.67 18.96
CA LEU B 14 -13.69 7.15 18.82
C LEU B 14 -13.13 7.78 20.11
N LEU B 15 -13.67 7.39 21.26
CA LEU B 15 -13.25 7.89 22.60
C LEU B 15 -11.76 7.63 22.80
N GLY B 16 -11.31 6.40 22.53
CA GLY B 16 -9.89 6.00 22.65
C GLY B 16 -8.99 6.90 21.83
N ALA B 17 -9.35 7.10 20.56
CA ALA B 17 -8.61 7.95 19.59
C ALA B 17 -8.47 9.37 20.16
N LEU B 18 -9.58 9.94 20.65
CA LEU B 18 -9.62 11.32 21.21
C LEU B 18 -8.66 11.39 22.39
N TYR B 19 -8.68 10.38 23.26
CA TYR B 19 -7.79 10.29 24.45
C TYR B 19 -6.33 10.37 23.99
N PHE B 20 -5.96 9.56 22.99
CA PHE B 20 -4.57 9.48 22.46
C PHE B 20 -4.18 10.82 21.85
N TYR B 21 -5.13 11.51 21.19
CA TYR B 21 -4.90 12.86 20.60
C TYR B 21 -4.55 13.83 21.74
N LEU B 22 -5.33 13.80 22.83
CA LEU B 22 -5.12 14.66 24.03
C LEU B 22 -3.72 14.38 24.59
N LEU B 23 -3.38 13.11 24.81
CA LEU B 23 -2.03 12.68 25.27
C LEU B 23 -0.97 13.29 24.35
N SER B 24 -1.20 13.25 23.03
CA SER B 24 -0.23 13.71 21.99
C SER B 24 0.08 15.20 22.17
N LYS B 25 -0.85 15.97 22.76
CA LYS B 25 -0.73 17.44 22.93
C LYS B 25 0.35 17.76 23.97
N ASP B 26 0.56 16.86 24.95
CA ASP B 26 1.65 16.95 25.96
C ASP B 26 2.44 15.63 25.91
N PRO B 27 3.33 15.47 24.92
CA PRO B 27 3.81 14.14 24.51
C PRO B 27 4.70 13.41 25.53
N LYS B 28 5.45 14.15 26.34
CA LYS B 28 6.33 13.61 27.42
C LYS B 28 7.36 12.64 26.83
N GLY B 29 8.10 13.08 25.80
CA GLY B 29 9.29 12.37 25.27
C GLY B 29 8.92 11.29 24.26
N VAL B 30 7.62 11.04 24.05
CA VAL B 30 7.11 10.03 23.07
C VAL B 30 6.99 10.71 21.70
N PRO B 31 7.67 10.20 20.66
CA PRO B 31 7.61 10.79 19.32
C PRO B 31 6.16 10.84 18.82
N ALA B 32 5.86 11.82 17.95
CA ALA B 32 4.51 12.09 17.39
C ALA B 32 4.01 10.87 16.60
N SER B 33 4.92 10.18 15.91
CA SER B 33 4.63 9.00 15.06
C SER B 33 3.90 7.93 15.88
N GLU B 34 4.29 7.76 17.15
CA GLU B 34 3.75 6.68 18.03
C GLU B 34 2.33 7.07 18.47
N TYR B 35 2.05 8.36 18.61
CA TYR B 35 0.68 8.88 18.90
C TYR B 35 -0.19 8.70 17.64
N LEU B 36 0.35 8.99 16.46
CA LEU B 36 -0.37 8.85 15.17
C LEU B 36 -0.81 7.38 14.99
N ILE B 37 0.13 6.45 15.14
CA ILE B 37 -0.14 4.98 15.07
C ILE B 37 -1.27 4.64 16.06
N ALA B 38 -1.13 5.07 17.32
CA ALA B 38 -2.10 4.81 18.41
C ALA B 38 -3.51 5.29 18.00
N MET B 39 -3.57 6.38 17.23
CA MET B 39 -4.86 7.03 16.83
C MET B 39 -5.46 6.31 15.62
N VAL B 40 -4.65 5.95 14.62
CA VAL B 40 -5.12 5.35 13.35
C VAL B 40 -5.79 4.00 13.66
N ILE B 41 -5.17 3.20 14.53
CA ILE B 41 -5.61 1.81 14.85
C ILE B 41 -7.09 1.82 15.22
N PRO B 42 -7.51 2.52 16.30
CA PRO B 42 -8.90 2.52 16.72
C PRO B 42 -9.84 3.18 15.70
N LEU B 43 -9.41 4.30 15.10
CA LEU B 43 -10.21 5.07 14.11
C LEU B 43 -10.56 4.16 12.92
N TRP B 44 -9.58 3.41 12.41
CA TRP B 44 -9.76 2.50 11.25
C TRP B 44 -10.71 1.37 11.64
N SER B 45 -10.43 0.71 12.77
CA SER B 45 -11.25 -0.41 13.31
C SER B 45 -12.68 0.09 13.54
N GLY B 46 -12.82 1.29 14.12
CA GLY B 46 -14.11 1.97 14.33
C GLY B 46 -14.92 2.05 13.05
N ALA B 47 -14.32 2.59 11.99
CA ALA B 47 -14.95 2.75 10.66
C ALA B 47 -15.41 1.38 10.14
N ALA B 48 -14.51 0.39 10.13
CA ALA B 48 -14.78 -0.98 9.63
C ALA B 48 -15.99 -1.56 10.35
N TYR B 49 -15.97 -1.53 11.68
CA TYR B 49 -17.03 -2.09 12.56
C TYR B 49 -18.33 -1.30 12.37
N LEU B 50 -18.24 0.00 12.07
CA LEU B 50 -19.42 0.84 11.77
C LEU B 50 -20.14 0.28 10.54
N SER B 51 -19.37 -0.15 9.53
CA SER B 51 -19.89 -0.74 8.27
C SER B 51 -20.73 -1.98 8.60
N ILE B 52 -20.27 -2.80 9.55
CA ILE B 52 -21.01 -4.01 10.05
C ILE B 52 -22.28 -3.55 10.75
N ALA B 53 -22.15 -2.59 11.67
CA ALA B 53 -23.27 -1.97 12.42
C ALA B 53 -24.38 -1.55 11.45
N LEU B 54 -24.00 -1.05 10.27
CA LEU B 54 -24.93 -0.51 9.24
C LEU B 54 -25.41 -1.64 8.32
N GLY B 55 -24.82 -2.83 8.47
CA GLY B 55 -25.20 -4.04 7.71
C GLY B 55 -24.58 -4.07 6.33
N GLN B 56 -23.35 -3.55 6.18
CA GLN B 56 -22.65 -3.43 4.88
C GLN B 56 -21.44 -4.37 4.84
N GLY B 57 -20.71 -4.50 5.95
CA GLY B 57 -19.37 -5.12 5.99
C GLY B 57 -19.42 -6.63 6.11
N LEU B 58 -20.49 -7.27 5.63
CA LEU B 58 -20.73 -8.73 5.72
C LEU B 58 -21.53 -9.21 4.50
N PHE B 59 -21.37 -10.49 4.12
CA PHE B 59 -22.19 -11.16 3.08
C PHE B 59 -22.34 -12.65 3.42
N GLN B 60 -23.24 -13.34 2.72
CA GLN B 60 -23.57 -14.78 2.93
C GLN B 60 -22.73 -15.63 1.97
N TYR B 61 -22.28 -16.80 2.43
CA TYR B 61 -21.34 -17.70 1.70
C TYR B 61 -21.51 -19.13 2.23
N ASP B 63 -23.07 -21.79 3.82
CA ASP B 63 -24.24 -20.86 3.95
C ASP B 63 -24.11 -20.09 5.27
N THR B 64 -22.95 -19.49 5.51
CA THR B 64 -22.59 -18.74 6.74
C THR B 64 -22.36 -17.27 6.40
N THR B 65 -22.26 -16.42 7.43
CA THR B 65 -22.01 -14.95 7.31
C THR B 65 -20.50 -14.68 7.38
N ILE B 66 -19.93 -14.11 6.31
CA ILE B 66 -18.51 -13.62 6.29
C ILE B 66 -18.53 -12.13 6.66
N TYR B 67 -18.01 -11.79 7.84
CA TYR B 67 -17.78 -10.40 8.31
C TYR B 67 -16.47 -9.91 7.71
N TYR B 68 -16.45 -9.68 6.39
CA TYR B 68 -15.23 -9.35 5.61
C TYR B 68 -14.65 -8.03 6.11
N ALA B 69 -15.48 -7.16 6.69
CA ALA B 69 -15.09 -5.85 7.25
C ALA B 69 -14.01 -6.04 8.33
N ARG B 70 -14.05 -7.18 9.03
CA ARG B 70 -13.07 -7.53 10.09
C ARG B 70 -11.67 -7.61 9.48
N TYR B 71 -11.55 -8.22 8.31
CA TYR B 71 -10.25 -8.46 7.60
C TYR B 71 -9.72 -7.11 7.06
N ILE B 72 -10.62 -6.27 6.54
CA ILE B 72 -10.30 -4.88 6.10
C ILE B 72 -9.70 -4.14 7.30
N ASP B 73 -10.30 -4.32 8.48
CA ASP B 73 -9.86 -3.72 9.76
C ASP B 73 -8.45 -4.22 10.08
N TRP B 74 -8.30 -5.54 10.23
CA TRP B 74 -7.07 -6.20 10.75
C TRP B 74 -5.88 -5.98 9.80
N VAL B 75 -6.12 -5.97 8.49
CA VAL B 75 -5.03 -5.88 7.47
C VAL B 75 -4.27 -4.57 7.68
N ILE B 76 -4.90 -3.59 8.34
CA ILE B 76 -4.30 -2.24 8.63
C ILE B 76 -3.95 -2.14 10.12
N SER B 77 -4.91 -2.42 11.00
CA SER B 77 -4.78 -2.24 12.48
C SER B 77 -3.68 -3.13 13.05
N THR B 78 -3.60 -4.39 12.62
CA THR B 78 -2.71 -5.42 13.25
C THR B 78 -1.25 -5.14 12.90
N PRO B 79 -0.91 -4.77 11.65
CA PRO B 79 0.46 -4.40 11.31
C PRO B 79 0.91 -3.14 12.06
N LEU B 80 -0.01 -2.18 12.24
CA LEU B 80 0.26 -0.92 12.99
C LEU B 80 0.52 -1.26 14.46
N LEU B 81 -0.24 -2.20 15.04
CA LEU B 81 -0.04 -2.68 16.43
C LEU B 81 1.37 -3.25 16.60
N LEU B 82 1.83 -4.03 15.62
CA LEU B 82 3.19 -4.65 15.62
C LEU B 82 4.26 -3.57 15.51
N ALA B 83 4.03 -2.58 14.63
CA ALA B 83 4.93 -1.42 14.43
C ALA B 83 5.08 -0.69 15.77
N ALA B 84 3.97 -0.41 16.43
CA ALA B 84 3.92 0.25 17.77
C ALA B 84 4.78 -0.55 18.75
N LEU B 85 4.56 -1.87 18.83
CA LEU B 85 5.31 -2.77 19.75
C LEU B 85 6.81 -2.70 19.44
N ALA B 86 7.16 -2.73 18.14
CA ALA B 86 8.56 -2.72 17.65
C ALA B 86 9.24 -1.40 18.04
N LEU B 87 8.54 -0.28 17.84
CA LEU B 87 9.05 1.08 18.17
C LEU B 87 9.26 1.19 19.69
N THR B 88 8.38 0.56 20.47
CA THR B 88 8.50 0.49 21.96
C THR B 88 9.84 -0.17 22.31
N ALA B 89 10.16 -1.31 21.68
CA ALA B 89 11.41 -2.06 21.88
C ALA B 89 12.62 -1.16 21.58
N MET B 90 12.46 -0.25 20.61
CA MET B 90 13.56 0.57 20.04
C MET B 90 13.60 1.95 20.69
N PHE B 91 12.71 2.21 21.65
CA PHE B 91 12.59 3.50 22.39
C PHE B 91 13.94 3.85 23.04
N GLY B 92 14.49 5.01 22.68
CA GLY B 92 15.73 5.55 23.26
C GLY B 92 16.97 5.12 22.50
N GLY B 93 16.81 4.22 21.53
CA GLY B 93 17.92 3.60 20.78
C GLY B 93 17.76 3.73 19.28
N LYS B 94 18.67 3.13 18.50
CA LYS B 94 18.62 3.13 17.01
C LYS B 94 17.47 2.22 16.56
N LYS B 95 16.74 2.62 15.52
CA LYS B 95 15.57 1.88 14.99
C LYS B 95 16.06 0.83 14.00
N ASN B 96 15.41 -0.33 13.99
CA ASN B 96 15.63 -1.43 13.00
C ASN B 96 14.35 -1.58 12.18
N LEU B 97 14.23 -0.82 11.09
CA LEU B 97 13.02 -0.76 10.23
C LEU B 97 12.88 -2.08 9.45
N THR B 98 14.00 -2.75 9.17
CA THR B 98 14.01 -4.07 8.51
C THR B 98 13.20 -5.06 9.37
N LEU B 99 13.58 -5.21 10.64
CA LEU B 99 12.84 -6.07 11.61
C LEU B 99 11.38 -5.64 11.63
N LEU B 100 11.12 -4.33 11.70
CA LEU B 100 9.75 -3.77 11.80
C LEU B 100 8.92 -4.23 10.60
N PHE B 101 9.43 -4.06 9.38
CA PHE B 101 8.71 -4.38 8.12
C PHE B 101 8.65 -5.90 7.92
N SER B 102 9.61 -6.64 8.48
CA SER B 102 9.55 -8.12 8.58
C SER B 102 8.25 -8.53 9.28
N LEU B 103 7.95 -7.87 10.41
CA LEU B 103 6.75 -8.12 11.25
C LEU B 103 5.49 -7.72 10.49
N VAL B 104 5.51 -6.55 9.84
CA VAL B 104 4.37 -6.02 9.04
C VAL B 104 4.02 -7.03 7.95
N ALA B 105 5.03 -7.49 7.19
CA ALA B 105 4.90 -8.44 6.07
C ALA B 105 4.25 -9.74 6.57
N LEU B 106 4.84 -10.36 7.59
CA LEU B 106 4.30 -11.59 8.22
C LEU B 106 2.84 -11.35 8.62
N ASP B 107 2.55 -10.21 9.24
CA ASP B 107 1.21 -9.89 9.81
C ASP B 107 0.18 -9.76 8.69
N VAL B 108 0.49 -8.98 7.64
CA VAL B 108 -0.43 -8.75 6.48
C VAL B 108 -0.76 -10.11 5.85
N PHE B 109 0.26 -10.93 5.57
CA PHE B 109 0.13 -12.30 5.05
C PHE B 109 -0.87 -13.08 5.93
N MET B 110 -0.64 -13.04 7.24
CA MET B 110 -1.45 -13.74 8.26
C MET B 110 -2.94 -13.42 8.04
N ILE B 111 -3.30 -12.13 8.00
CA ILE B 111 -4.71 -11.66 7.86
C ILE B 111 -5.26 -12.19 6.53
N ILE B 112 -4.48 -12.09 5.45
CA ILE B 112 -4.90 -12.52 4.08
C ILE B 112 -5.24 -14.01 4.11
N THR B 113 -4.37 -14.85 4.68
CA THR B 113 -4.58 -16.31 4.82
C THR B 113 -5.93 -16.55 5.52
N GLY B 114 -6.24 -15.75 6.52
CA GLY B 114 -7.50 -15.82 7.28
C GLY B 114 -8.70 -15.57 6.39
N PHE B 115 -8.66 -14.50 5.59
CA PHE B 115 -9.72 -14.12 4.62
C PHE B 115 -9.93 -15.26 3.63
N VAL B 116 -8.86 -15.74 3.01
CA VAL B 116 -8.88 -16.83 1.99
C VAL B 116 -9.46 -18.09 2.66
N ALA B 117 -8.95 -18.46 3.84
CA ALA B 117 -9.40 -19.62 4.63
C ALA B 117 -10.92 -19.53 4.81
N ASP B 118 -11.42 -18.34 5.16
CA ASP B 118 -12.86 -18.07 5.42
C ASP B 118 -13.67 -18.31 4.13
N LEU B 119 -13.08 -17.99 2.98
CA LEU B 119 -13.72 -18.13 1.64
C LEU B 119 -13.55 -19.57 1.11
N SER B 120 -12.74 -20.38 1.78
CA SER B 120 -12.38 -21.76 1.37
C SER B 120 -13.27 -22.77 2.10
N ILE B 121 -13.27 -24.03 1.64
CA ILE B 121 -14.02 -25.16 2.24
C ILE B 121 -13.09 -26.37 2.35
N GLY B 122 -13.31 -27.22 3.36
CA GLY B 122 -12.58 -28.50 3.56
C GLY B 122 -11.10 -28.27 3.82
N THR B 123 -10.26 -29.16 3.30
CA THR B 123 -8.79 -29.19 3.55
C THR B 123 -8.15 -27.86 3.16
N THR B 124 -8.65 -27.22 2.10
CA THR B 124 -8.10 -25.95 1.55
C THR B 124 -8.16 -24.88 2.65
N LYS B 125 -9.30 -24.76 3.33
CA LYS B 125 -9.52 -23.82 4.45
C LYS B 125 -8.37 -23.94 5.46
N TYR B 126 -8.06 -25.17 5.88
CA TYR B 126 -7.15 -25.44 7.03
C TYR B 126 -5.69 -25.35 6.59
N ILE B 127 -5.41 -25.48 5.29
CA ILE B 127 -4.06 -25.21 4.70
C ILE B 127 -3.75 -23.72 4.91
N TRP B 128 -4.66 -22.85 4.48
CA TRP B 128 -4.52 -21.37 4.60
C TRP B 128 -4.44 -20.99 6.07
N TYR B 129 -5.38 -21.46 6.90
CA TYR B 129 -5.41 -21.23 8.36
C TYR B 129 -4.02 -21.56 8.94
N SER B 130 -3.49 -22.73 8.56
CA SER B 130 -2.19 -23.27 9.05
C SER B 130 -1.05 -22.33 8.67
N LEU B 131 -1.02 -21.83 7.43
CA LEU B 131 -0.01 -20.86 6.94
C LEU B 131 -0.06 -19.60 7.80
N GLY B 132 -1.27 -19.11 8.10
CA GLY B 132 -1.49 -17.94 8.98
C GLY B 132 -0.95 -18.19 10.37
N VAL B 133 -1.18 -19.40 10.91
CA VAL B 133 -0.71 -19.80 12.26
C VAL B 133 0.83 -19.78 12.28
N ILE B 134 1.47 -20.29 11.21
CA ILE B 134 2.95 -20.37 11.09
C ILE B 134 3.53 -18.95 11.11
N ALA B 135 2.91 -18.02 10.38
CA ALA B 135 3.27 -16.58 10.37
C ALA B 135 3.20 -16.03 11.80
N LEU B 136 2.10 -16.30 12.51
N LEU B 136 2.10 -16.30 12.51
CA LEU B 136 1.88 -15.84 13.91
CA LEU B 136 1.86 -15.85 13.91
C LEU B 136 3.00 -16.37 14.81
C LEU B 136 2.99 -16.37 14.81
N ILE B 137 3.37 -17.65 14.65
CA ILE B 137 4.44 -18.29 15.47
C ILE B 137 5.76 -17.55 15.24
N ILE B 138 6.09 -17.26 13.98
CA ILE B 138 7.34 -16.55 13.59
C ILE B 138 7.32 -15.15 14.20
N ILE B 139 6.17 -14.47 14.16
CA ILE B 139 5.96 -13.14 14.82
C ILE B 139 6.27 -13.28 16.32
N LEU B 140 5.78 -14.34 16.97
CA LEU B 140 5.96 -14.58 18.42
C LEU B 140 7.46 -14.82 18.69
N VAL B 141 8.13 -15.57 17.83
CA VAL B 141 9.59 -15.88 17.96
C VAL B 141 10.37 -14.58 17.90
N ILE B 142 10.04 -13.70 16.95
CA ILE B 142 10.70 -12.38 16.76
C ILE B 142 10.44 -11.52 18.01
N THR B 143 9.18 -11.47 18.46
CA THR B 143 8.71 -10.61 19.57
C THR B 143 9.47 -10.93 20.86
N PHE B 144 9.61 -12.22 21.19
CA PHE B 144 10.21 -12.68 22.48
C PHE B 144 11.69 -13.06 22.27
N GLY B 145 12.18 -12.93 21.04
CA GLY B 145 13.58 -13.22 20.68
C GLY B 145 14.35 -11.94 20.33
N PRO B 146 14.68 -11.72 19.03
CA PRO B 146 15.51 -10.57 18.62
C PRO B 146 14.92 -9.21 19.03
N LEU B 147 13.60 -9.04 18.95
CA LEU B 147 12.93 -7.74 19.27
C LEU B 147 13.09 -7.44 20.76
N ARG B 148 12.97 -8.46 21.61
CA ARG B 148 13.13 -8.33 23.09
C ARG B 148 14.59 -7.98 23.41
N ARG B 149 15.54 -8.54 22.66
CA ARG B 149 17.00 -8.31 22.88
C ARG B 149 17.31 -6.84 22.59
N ILE B 150 16.64 -6.25 21.59
CA ILE B 150 16.73 -4.80 21.28
C ILE B 150 16.18 -4.03 22.50
N ALA B 151 15.00 -4.41 22.99
CA ALA B 151 14.38 -3.82 24.20
C ALA B 151 15.39 -3.83 25.35
N LEU B 152 16.03 -4.98 25.59
CA LEU B 152 17.02 -5.17 26.70
C LEU B 152 18.21 -4.22 26.50
N SER B 153 18.57 -3.94 25.25
CA SER B 153 19.74 -3.09 24.88
C SER B 153 19.43 -1.61 25.19
N ASN B 154 18.17 -1.29 25.46
CA ASN B 154 17.68 0.09 25.70
C ASN B 154 17.37 0.29 27.19
N GLY B 155 17.84 -0.61 28.06
CA GLY B 155 17.82 -0.41 29.52
C GLY B 155 16.77 -1.26 30.22
N THR B 156 16.97 -1.51 31.52
CA THR B 156 16.12 -2.38 32.38
C THR B 156 14.68 -1.88 32.37
N ARG B 157 14.48 -0.57 32.55
CA ARG B 157 13.12 0.06 32.70
C ARG B 157 12.34 -0.11 31.39
N LEU B 158 12.94 0.21 30.24
CA LEU B 158 12.27 0.10 28.92
C LEU B 158 11.93 -1.38 28.67
N ALA B 159 12.88 -2.27 28.90
CA ALA B 159 12.76 -3.73 28.72
C ALA B 159 11.58 -4.27 29.54
N ARG B 160 11.45 -3.81 30.79
CA ARG B 160 10.37 -4.22 31.72
C ARG B 160 9.03 -3.85 31.10
N HIS B 161 8.91 -2.62 30.58
CA HIS B 161 7.68 -2.11 29.92
C HIS B 161 7.40 -2.94 28.66
N TYR B 162 8.38 -3.09 27.78
CA TYR B 162 8.24 -3.84 26.51
C TYR B 162 7.70 -5.25 26.79
N THR B 163 8.34 -5.95 27.73
CA THR B 163 7.98 -7.35 28.11
C THR B 163 6.51 -7.38 28.52
N ARG B 164 6.06 -6.41 29.30
CA ARG B 164 4.66 -6.28 29.77
C ARG B 164 3.73 -6.16 28.56
N VAL B 165 4.00 -5.24 27.64
CA VAL B 165 3.10 -4.95 26.48
C VAL B 165 3.21 -6.12 25.49
N ALA B 166 4.38 -6.73 25.36
CA ALA B 166 4.62 -7.91 24.50
C ALA B 166 3.72 -9.07 24.95
N ILE B 167 3.65 -9.33 26.26
CA ILE B 167 2.84 -10.43 26.84
C ILE B 167 1.37 -10.09 26.65
N TYR B 168 0.98 -8.85 26.96
CA TYR B 168 -0.39 -8.31 26.78
C TYR B 168 -0.87 -8.63 25.36
N LEU B 169 -0.16 -8.13 24.35
CA LEU B 169 -0.56 -8.26 22.92
C LEU B 169 -0.53 -9.74 22.50
N SER B 170 0.53 -10.47 22.84
CA SER B 170 0.74 -11.90 22.49
C SER B 170 -0.45 -12.73 22.99
N ALA B 171 -0.94 -12.43 24.20
CA ALA B 171 -2.10 -13.12 24.84
C ALA B 171 -3.35 -12.95 23.97
N LEU B 172 -3.61 -11.73 23.52
CA LEU B 172 -4.77 -11.39 22.65
C LEU B 172 -4.57 -12.04 21.27
N TRP B 173 -3.35 -11.98 20.74
N TRP B 173 -3.35 -12.00 20.75
CA TRP B 173 -2.98 -12.53 19.40
CA TRP B 173 -2.99 -12.52 19.40
C TRP B 173 -3.49 -13.98 19.27
C TRP B 173 -3.46 -13.97 19.26
N VAL B 174 -3.15 -14.83 20.25
CA VAL B 174 -3.42 -16.29 20.18
C VAL B 174 -4.93 -16.54 20.26
N CYS B 175 -5.68 -15.62 20.90
CA CYS B 175 -7.15 -15.72 21.10
C CYS B 175 -7.88 -15.71 19.75
N TYR B 176 -7.49 -14.80 18.85
CA TYR B 176 -8.17 -14.55 17.56
C TYR B 176 -8.23 -15.83 16.74
N PRO B 177 -7.08 -16.47 16.44
CA PRO B 177 -7.07 -17.70 15.65
C PRO B 177 -7.78 -18.86 16.35
N THR B 178 -7.82 -18.85 17.68
CA THR B 178 -8.52 -19.87 18.51
C THR B 178 -10.02 -19.72 18.31
N ALA B 179 -10.53 -18.48 18.43
CA ALA B 179 -11.95 -18.13 18.24
C ALA B 179 -12.37 -18.48 16.80
N TRP B 180 -11.61 -18.01 15.82
CA TRP B 180 -11.82 -18.28 14.36
C TRP B 180 -12.06 -19.78 14.16
N LEU B 181 -11.14 -20.62 14.65
CA LEU B 181 -11.14 -22.09 14.42
C LEU B 181 -12.38 -22.72 15.06
N LEU B 182 -12.76 -22.26 16.26
CA LEU B 182 -13.88 -22.83 17.05
C LEU B 182 -15.21 -22.38 16.44
N GLY B 183 -15.24 -21.17 15.86
CA GLY B 183 -16.47 -20.48 15.42
C GLY B 183 -16.93 -20.93 14.05
N PRO B 184 -17.99 -20.29 13.48
CA PRO B 184 -18.56 -20.69 12.20
C PRO B 184 -17.59 -20.75 11.00
N SER B 185 -16.53 -19.94 11.02
CA SER B 185 -15.52 -19.85 9.93
C SER B 185 -14.67 -21.13 9.91
N GLY B 186 -14.64 -21.85 11.04
CA GLY B 186 -13.81 -23.06 11.23
C GLY B 186 -14.67 -24.30 11.47
N LEU B 187 -14.59 -24.86 12.68
CA LEU B 187 -15.20 -26.17 13.06
C LEU B 187 -16.69 -25.98 13.33
N GLY B 188 -17.12 -24.76 13.64
CA GLY B 188 -18.53 -24.41 13.93
C GLY B 188 -19.00 -25.02 15.25
N LEU B 189 -18.10 -25.16 16.23
CA LEU B 189 -18.43 -25.68 17.59
C LEU B 189 -19.07 -24.55 18.42
N ALA B 190 -18.55 -23.33 18.28
CA ALA B 190 -19.03 -22.12 19.00
C ALA B 190 -20.13 -21.46 18.20
N GLN B 191 -21.17 -20.97 18.89
CA GLN B 191 -22.35 -20.27 18.31
C GLN B 191 -21.89 -18.94 17.71
N GLU B 192 -22.59 -18.45 16.68
CA GLU B 192 -22.20 -17.22 15.94
C GLU B 192 -22.20 -16.02 16.90
N LEU B 193 -23.21 -15.92 17.78
CA LEU B 193 -23.37 -14.78 18.71
C LEU B 193 -22.16 -14.72 19.64
N THR B 194 -21.67 -15.89 20.09
CA THR B 194 -20.48 -16.01 20.97
C THR B 194 -19.25 -15.42 20.26
N GLU B 195 -19.02 -15.84 19.02
CA GLU B 195 -17.90 -15.35 18.17
C GLU B 195 -18.01 -13.83 18.01
N VAL B 196 -19.21 -13.33 17.71
CA VAL B 196 -19.48 -11.87 17.51
C VAL B 196 -19.03 -11.10 18.76
N LEU B 197 -19.40 -11.58 19.95
CA LEU B 197 -19.08 -10.95 21.25
C LEU B 197 -17.57 -10.97 21.48
N VAL B 198 -16.92 -12.10 21.17
CA VAL B 198 -15.45 -12.31 21.33
C VAL B 198 -14.71 -11.29 20.46
N PHE B 199 -15.17 -11.10 19.22
CA PHE B 199 -14.55 -10.19 18.22
C PHE B 199 -15.08 -8.77 18.40
N ILE B 200 -15.77 -8.51 19.51
CA ILE B 200 -16.14 -7.15 19.98
C ILE B 200 -15.28 -6.80 21.21
N ILE B 201 -15.10 -7.76 22.11
CA ILE B 201 -14.44 -7.56 23.43
C ILE B 201 -12.92 -7.53 23.25
N LEU B 202 -12.35 -8.56 22.61
CA LEU B 202 -10.88 -8.68 22.37
C LEU B 202 -10.36 -7.39 21.73
N PRO B 203 -10.95 -6.95 20.59
CA PRO B 203 -10.48 -5.76 19.89
C PRO B 203 -10.38 -4.53 20.79
N ILE B 204 -11.32 -4.35 21.73
CA ILE B 204 -11.34 -3.20 22.69
C ILE B 204 -10.04 -3.21 23.49
N PHE B 205 -9.60 -4.38 23.94
CA PHE B 205 -8.36 -4.57 24.74
C PHE B 205 -7.13 -4.37 23.84
N SER B 206 -7.21 -4.80 22.58
CA SER B 206 -6.09 -4.76 21.60
C SER B 206 -5.98 -3.38 20.95
N LYR B 207 -7.12 -2.78 20.61
CA LYR B 207 -7.14 -1.56 19.81
C LYR B 207 -6.98 -0.32 20.69
O LYR B 207 -6.39 0.67 20.27
CB LYR B 207 -8.43 -1.46 18.99
CG LYR B 207 -8.65 -2.60 18.00
CD LYR B 207 -7.42 -2.95 17.19
CE LYR B 207 -7.72 -3.82 15.98
NZ LYR B 207 -8.46 -5.03 16.35
C1 LYR B 207 -7.86 -6.30 15.92
C2 LYR B 207 -6.63 -6.64 16.73
C3 LYR B 207 -5.89 -7.78 16.60
C4 LYR B 207 -4.66 -7.97 17.37
C5 LYR B 207 -6.24 -8.84 15.71
C6 LYR B 207 -5.56 -10.03 15.48
C7 LYR B 207 -5.83 -11.06 14.59
C80 LYR B 207 -5.11 -12.25 14.37
C8 LYR B 207 -3.86 -12.43 15.14
C9 LYR B 207 -5.51 -13.25 13.45
C10 LYR B 207 -4.87 -14.45 13.21
C11 LYR B 207 -5.31 -15.53 12.35
C12 LYR B 207 -4.52 -16.60 12.15
C13 LYR B 207 -3.21 -16.83 12.85
C14 LYR B 207 -4.87 -17.71 11.20
C15 LYR B 207 -5.97 -17.33 10.22
C16 LYR B 207 -7.08 -16.68 10.93
C17 LYR B 207 -6.68 -15.41 11.68
C18 LYR B 207 -6.67 -14.25 10.68
C19 LYR B 207 -7.77 -15.13 12.72
N VAL B 208 -7.53 -0.38 21.91
CA VAL B 208 -7.46 0.74 22.83
C VAL B 208 -6.57 0.36 24.02
N GLY B 209 -6.90 -0.75 24.69
CA GLY B 209 -6.19 -1.22 25.90
C GLY B 209 -4.67 -1.18 25.73
N PHE B 210 -4.17 -1.76 24.63
CA PHE B 210 -2.71 -1.89 24.36
C PHE B 210 -2.04 -0.52 24.40
N SER B 211 -2.57 0.45 23.65
CA SER B 211 -1.99 1.81 23.48
C SER B 211 -2.06 2.57 24.80
N ILE B 212 -3.12 2.41 25.57
CA ILE B 212 -3.23 2.99 26.94
C ILE B 212 -2.05 2.51 27.77
N VAL B 213 -1.89 1.18 27.88
CA VAL B 213 -0.76 0.55 28.63
C VAL B 213 0.57 1.04 28.05
N ASP B 214 0.72 0.94 26.72
CA ASP B 214 1.97 1.25 25.99
C ASP B 214 2.37 2.71 26.26
N LEU B 215 1.50 3.67 25.91
CA LEU B 215 1.77 5.13 25.97
C LEU B 215 2.06 5.55 27.42
N HIS B 216 1.24 5.11 28.37
CA HIS B 216 1.42 5.43 29.82
C HIS B 216 2.82 4.98 30.26
N GLY B 217 3.19 3.73 29.94
CA GLY B 217 4.51 3.16 30.28
C GLY B 217 5.65 3.98 29.71
N LEU B 218 5.55 4.37 28.43
CA LEU B 218 6.58 5.16 27.71
C LEU B 218 6.66 6.57 28.32
N ARG B 219 5.51 7.22 28.50
CA ARG B 219 5.40 8.58 29.09
C ARG B 219 6.05 8.58 30.48
N LYS B 220 5.90 7.49 31.24
CA LYS B 220 6.42 7.34 32.62
C LYS B 220 7.95 7.37 32.59
N LEU B 221 8.57 6.98 31.47
CA LEU B 221 10.04 6.94 31.28
C LEU B 221 10.59 8.36 31.13
N HIS B 222 9.72 9.35 30.91
CA HIS B 222 10.09 10.78 30.74
C HIS B 222 10.68 11.32 32.05
N GLN B 223 10.09 10.96 33.19
CA GLN B 223 10.56 11.31 34.55
C GLN B 223 10.95 10.03 35.31
N FME C 1 -19.62 11.68 -26.31
CN FME C 1 -19.02 10.53 -26.05
O1 FME C 1 -18.53 9.77 -26.89
CA FME C 1 -20.04 12.60 -25.27
CB FME C 1 -20.05 14.05 -25.78
CG FME C 1 -20.51 15.04 -24.72
SD FME C 1 -19.97 16.74 -25.10
CE FME C 1 -20.89 17.67 -23.87
C FME C 1 -19.15 12.46 -24.04
O FME C 1 -18.04 13.00 -23.98
N ILE C 2 -19.66 11.71 -23.05
CA ILE C 2 -18.94 11.44 -21.82
C ILE C 2 -17.60 10.77 -22.17
N SER C 3 -17.63 9.81 -23.10
CA SER C 3 -16.44 9.05 -23.56
C SER C 3 -15.37 10.01 -24.13
N ILE C 4 -15.79 10.92 -25.01
CA ILE C 4 -14.88 11.86 -25.72
C ILE C 4 -14.24 12.81 -24.69
N LEU C 5 -15.04 13.32 -23.76
CA LEU C 5 -14.57 14.26 -22.70
C LEU C 5 -13.41 13.62 -21.92
N HIS C 6 -13.54 12.33 -21.60
CA HIS C 6 -12.55 11.57 -20.79
C HIS C 6 -11.28 11.35 -21.61
N TYR C 7 -11.41 11.04 -22.91
CA TYR C 7 -10.27 10.89 -23.85
C TYR C 7 -9.45 12.19 -23.84
N GLY C 8 -10.13 13.34 -23.98
CA GLY C 8 -9.50 14.67 -23.98
C GLY C 8 -8.76 14.94 -22.68
N TYR C 9 -9.41 14.65 -21.55
CA TYR C 9 -8.83 14.77 -20.18
C TYR C 9 -7.50 13.99 -20.12
N SER C 10 -7.55 12.72 -20.51
CA SER C 10 -6.39 11.79 -20.48
C SER C 10 -5.22 12.37 -21.28
N PHE C 11 -5.51 13.00 -22.42
CA PHE C 11 -4.49 13.62 -23.32
C PHE C 11 -3.84 14.81 -22.60
N ILE C 12 -4.65 15.63 -21.93
CA ILE C 12 -4.20 16.83 -21.17
C ILE C 12 -3.31 16.36 -20.01
N MET C 13 -3.71 15.30 -19.32
CA MET C 13 -2.91 14.68 -18.22
C MET C 13 -1.53 14.31 -18.77
N LEU C 14 -1.49 13.61 -19.92
CA LEU C 14 -0.24 13.18 -20.59
C LEU C 14 0.64 14.40 -20.85
N LEU C 15 0.09 15.46 -21.44
CA LEU C 15 0.79 16.72 -21.76
C LEU C 15 1.37 17.34 -20.48
N GLY C 16 0.55 17.44 -19.43
CA GLY C 16 0.96 17.97 -18.12
C GLY C 16 2.17 17.21 -17.57
N ALA C 17 2.09 15.87 -17.59
CA ALA C 17 3.14 14.94 -17.12
C ALA C 17 4.44 15.22 -17.86
N LEU C 18 4.38 15.31 -19.19
CA LEU C 18 5.54 15.58 -20.08
C LEU C 18 6.17 16.92 -19.67
N TYR C 19 5.35 17.95 -19.46
CA TYR C 19 5.80 19.31 -19.05
C TYR C 19 6.62 19.20 -17.76
N PHE C 20 6.10 18.48 -16.76
CA PHE C 20 6.75 18.32 -15.44
C PHE C 20 8.06 17.54 -15.61
N TYR C 21 8.08 16.55 -16.49
CA TYR C 21 9.30 15.77 -16.81
C TYR C 21 10.38 16.72 -17.37
N LEU C 22 10.00 17.57 -18.32
CA LEU C 22 10.89 18.59 -18.94
C LEU C 22 11.43 19.51 -17.85
N LEU C 23 10.56 20.06 -17.01
CA LEU C 23 10.96 20.92 -15.85
C LEU C 23 11.99 20.18 -15.01
N SER C 24 11.77 18.88 -14.76
CA SER C 24 12.62 18.03 -13.89
C SER C 24 14.05 17.96 -14.46
N LYS C 25 14.22 18.12 -15.78
CA LYS C 25 15.53 18.00 -16.46
C LYS C 25 16.42 19.20 -16.09
N ASP C 26 15.82 20.36 -15.78
CA ASP C 26 16.51 21.57 -15.28
C ASP C 26 15.86 21.99 -13.97
N PRO C 27 16.15 21.28 -12.85
CA PRO C 27 15.28 21.29 -11.68
C PRO C 27 15.20 22.62 -10.91
N LYS C 28 16.29 23.39 -10.91
CA LYS C 28 16.39 24.73 -10.25
C LYS C 28 16.06 24.59 -8.75
N GLY C 29 16.77 23.69 -8.06
CA GLY C 29 16.79 23.61 -6.59
C GLY C 29 15.60 22.83 -6.03
N VAL C 30 14.70 22.37 -6.88
CA VAL C 30 13.52 21.54 -6.48
C VAL C 30 13.94 20.08 -6.49
N PRO C 31 13.82 19.36 -5.34
CA PRO C 31 14.21 17.96 -5.26
C PRO C 31 13.48 17.10 -6.31
N ALA C 32 14.09 15.99 -6.71
CA ALA C 32 13.59 15.07 -7.76
C ALA C 32 12.26 14.47 -7.32
N SER C 33 12.11 14.19 -6.01
CA SER C 33 10.90 13.57 -5.40
C SER C 33 9.66 14.41 -5.74
N GLU C 34 9.79 15.73 -5.75
CA GLU C 34 8.65 16.67 -5.95
C GLU C 34 8.26 16.65 -7.44
N TYR C 35 9.21 16.44 -8.34
CA TYR C 35 8.95 16.28 -9.79
C TYR C 35 8.27 14.93 -10.04
N LEU C 36 8.75 13.87 -9.38
CA LEU C 36 8.17 12.50 -9.48
C LEU C 36 6.69 12.54 -9.07
N ILE C 37 6.40 13.11 -7.89
CA ILE C 37 5.01 13.29 -7.37
C ILE C 37 4.19 14.03 -8.43
N ALA C 38 4.68 15.17 -8.91
CA ALA C 38 4.00 16.04 -9.90
C ALA C 38 3.62 15.22 -11.14
N MET C 39 4.45 14.25 -11.51
CA MET C 39 4.29 13.43 -12.75
C MET C 39 3.30 12.29 -12.50
N VAL C 40 3.40 11.60 -11.35
CA VAL C 40 2.57 10.41 -11.03
C VAL C 40 1.09 10.82 -11.00
N ILE C 41 0.80 11.97 -10.38
CA ILE C 41 -0.59 12.46 -10.17
C ILE C 41 -1.35 12.44 -11.50
N PRO C 42 -0.93 13.23 -12.51
CA PRO C 42 -1.65 13.30 -13.78
C PRO C 42 -1.64 11.96 -14.54
N LEU C 43 -0.51 11.25 -14.53
CA LEU C 43 -0.35 9.95 -15.24
C LEU C 43 -1.37 8.95 -14.70
N TRP C 44 -1.50 8.86 -13.37
CA TRP C 44 -2.43 7.91 -12.70
C TRP C 44 -3.87 8.31 -13.03
N SER C 45 -4.21 9.59 -12.87
CA SER C 45 -5.55 10.15 -13.16
C SER C 45 -5.89 9.90 -14.63
N GLY C 46 -4.94 10.17 -15.52
CA GLY C 46 -5.04 9.89 -16.96
C GLY C 46 -5.48 8.46 -17.23
N ALA C 47 -4.77 7.48 -16.65
CA ALA C 47 -5.04 6.04 -16.83
C ALA C 47 -6.46 5.72 -16.36
N ALA C 48 -6.81 6.14 -15.14
CA ALA C 48 -8.13 5.89 -14.52
C ALA C 48 -9.23 6.43 -15.44
N TYR C 49 -9.11 7.69 -15.86
CA TYR C 49 -10.12 8.39 -16.70
C TYR C 49 -10.18 7.74 -18.09
N LEU C 50 -9.05 7.20 -18.56
CA LEU C 50 -8.99 6.47 -19.85
C LEU C 50 -9.92 5.25 -19.77
N SER C 51 -9.90 4.55 -18.62
CA SER C 51 -10.76 3.37 -18.35
C SER C 51 -12.23 3.76 -18.52
N ILE C 52 -12.62 4.94 -18.05
CA ILE C 52 -14.01 5.49 -18.18
C ILE C 52 -14.27 5.75 -19.67
N ALA C 53 -13.37 6.45 -20.34
CA ALA C 53 -13.41 6.75 -21.80
C ALA C 53 -13.70 5.46 -22.58
N LEU C 54 -13.11 4.33 -22.15
CA LEU C 54 -13.21 3.02 -22.85
C LEU C 54 -14.47 2.27 -22.37
N GLY C 55 -15.15 2.80 -21.36
CA GLY C 55 -16.42 2.28 -20.83
C GLY C 55 -16.21 1.12 -19.87
N GLN C 56 -15.12 1.13 -19.11
CA GLN C 56 -14.72 0.03 -18.20
C GLN C 56 -14.82 0.49 -16.73
N GLY C 57 -14.45 1.74 -16.45
CA GLY C 57 -14.26 2.27 -15.08
C GLY C 57 -15.56 2.74 -14.45
N LEU C 58 -16.70 2.21 -14.88
CA LEU C 58 -18.06 2.59 -14.41
C LEU C 58 -19.00 1.39 -14.53
N PHE C 59 -20.06 1.34 -13.70
CA PHE C 59 -21.12 0.31 -13.75
C PHE C 59 -22.44 0.90 -13.23
N GLN C 60 -23.55 0.18 -13.44
CA GLN C 60 -24.93 0.57 -13.04
C GLN C 60 -25.22 0.03 -11.63
N TYR C 61 -25.87 0.85 -10.79
CA TYR C 61 -26.15 0.56 -9.36
C TYR C 61 -27.15 1.59 -8.81
N ASP C 62 -28.31 1.12 -8.37
CA ASP C 62 -29.44 1.98 -7.92
C ASP C 62 -30.10 2.60 -9.16
N ASP C 63 -29.85 2.02 -10.34
CA ASP C 63 -30.37 2.49 -11.65
C ASP C 63 -29.55 3.69 -12.12
N THR C 64 -28.51 4.07 -11.38
CA THR C 64 -27.58 5.19 -11.70
C THR C 64 -26.18 4.65 -11.98
N THR C 65 -25.31 5.50 -12.54
CA THR C 65 -23.93 5.14 -12.96
C THR C 65 -22.94 5.48 -11.84
N ILE C 66 -22.23 4.46 -11.33
CA ILE C 66 -21.07 4.63 -10.40
C ILE C 66 -19.78 4.68 -11.21
N TYR C 67 -19.14 5.85 -11.27
CA TYR C 67 -17.83 6.07 -11.93
C TYR C 67 -16.72 5.70 -10.96
N TYR C 68 -16.59 4.41 -10.66
CA TYR C 68 -15.72 3.88 -9.57
C TYR C 68 -14.24 4.17 -9.89
N ALA C 69 -13.91 4.35 -11.17
CA ALA C 69 -12.55 4.67 -11.64
C ALA C 69 -12.08 6.00 -11.03
N ARG C 70 -13.02 6.91 -10.74
CA ARG C 70 -12.73 8.22 -10.10
C ARG C 70 -12.08 7.99 -8.74
N TYR C 71 -12.60 7.04 -7.97
CA TYR C 71 -12.16 6.72 -6.59
C TYR C 71 -10.78 6.04 -6.64
N ILE C 72 -10.59 5.15 -7.61
CA ILE C 72 -9.27 4.49 -7.88
C ILE C 72 -8.24 5.59 -8.14
N ASP C 73 -8.64 6.61 -8.92
CA ASP C 73 -7.81 7.79 -9.26
C ASP C 73 -7.47 8.54 -7.97
N TRP C 74 -8.49 9.02 -7.25
CA TRP C 74 -8.36 9.94 -6.10
C TRP C 74 -7.61 9.28 -4.94
N VAL C 75 -7.80 7.98 -4.72
CA VAL C 75 -7.21 7.25 -3.56
C VAL C 75 -5.68 7.32 -3.64
N ILE C 76 -5.13 7.57 -4.84
CA ILE C 76 -3.67 7.69 -5.10
C ILE C 76 -3.30 9.16 -5.32
N SER C 77 -4.00 9.84 -6.24
CA SER C 77 -3.69 11.21 -6.71
C SER C 77 -3.82 12.24 -5.57
N THR C 78 -4.88 12.14 -4.74
CA THR C 78 -5.21 13.17 -3.72
C THR C 78 -4.20 13.11 -2.57
N PRO C 79 -3.79 11.91 -2.10
CA PRO C 79 -2.75 11.83 -1.06
C PRO C 79 -1.40 12.37 -1.58
N LEU C 80 -1.07 12.11 -2.84
CA LEU C 80 0.17 12.62 -3.49
C LEU C 80 0.11 14.16 -3.56
N LEU C 81 -1.05 14.73 -3.89
CA LEU C 81 -1.27 16.20 -3.93
C LEU C 81 -1.00 16.81 -2.55
N LEU C 82 -1.47 16.15 -1.49
CA LEU C 82 -1.27 16.58 -0.08
C LEU C 82 0.22 16.48 0.28
N ALA C 83 0.87 15.39 -0.11
CA ALA C 83 2.32 15.18 0.09
C ALA C 83 3.09 16.33 -0.55
N ALA C 84 2.76 16.66 -1.80
CA ALA C 84 3.35 17.79 -2.56
C ALA C 84 3.20 19.08 -1.75
N LEU C 85 1.99 19.37 -1.27
CA LEU C 85 1.69 20.60 -0.48
C LEU C 85 2.55 20.60 0.78
N ALA C 86 2.64 19.44 1.46
CA ALA C 86 3.37 19.28 2.74
C ALA C 86 4.87 19.53 2.50
N LEU C 87 5.42 18.95 1.44
CA LEU C 87 6.86 19.11 1.08
C LEU C 87 7.13 20.57 0.72
N THR C 88 6.18 21.26 0.09
CA THR C 88 6.27 22.71 -0.22
C THR C 88 6.48 23.46 1.11
N ALA C 89 5.66 23.18 2.13
CA ALA C 89 5.73 23.81 3.47
C ALA C 89 7.12 23.59 4.07
N MET C 90 7.74 22.45 3.75
CA MET C 90 8.99 21.95 4.39
C MET C 90 10.21 22.29 3.51
N PHE C 91 9.99 22.98 2.39
CA PHE C 91 11.05 23.41 1.44
C PHE C 91 12.10 24.24 2.20
N GLY C 92 13.37 23.80 2.14
CA GLY C 92 14.53 24.48 2.74
C GLY C 92 14.74 24.10 4.20
N GLY C 93 13.86 23.27 4.75
CA GLY C 93 13.84 22.93 6.20
C GLY C 93 13.83 21.43 6.44
N LYS C 94 13.75 21.04 7.71
CA LYS C 94 13.62 19.63 8.16
C LYS C 94 12.22 19.12 7.78
N LYS C 95 12.12 17.86 7.37
CA LYS C 95 10.83 17.20 7.00
C LYS C 95 10.10 16.77 8.28
N ASN C 96 8.78 16.90 8.28
CA ASN C 96 7.88 16.28 9.30
C ASN C 96 7.01 15.24 8.60
N LEU C 97 7.53 14.00 8.48
CA LEU C 97 6.87 12.89 7.74
C LEU C 97 5.66 12.40 8.53
N THR C 98 5.67 12.54 9.85
CA THR C 98 4.51 12.21 10.73
C THR C 98 3.31 13.04 10.29
N LEU C 99 3.47 14.37 10.26
CA LEU C 99 2.42 15.31 9.79
C LEU C 99 1.99 14.89 8.38
N LEU C 100 2.96 14.61 7.50
CA LEU C 100 2.72 14.27 6.07
C LEU C 100 1.79 13.03 5.99
N PHE C 101 2.13 11.96 6.71
CA PHE C 101 1.40 10.67 6.68
C PHE C 101 0.07 10.79 7.43
N SER C 102 -0.01 11.70 8.40
CA SER C 102 -1.29 12.12 9.05
C SER C 102 -2.27 12.57 7.97
N LEU C 103 -1.80 13.42 7.05
CA LEU C 103 -2.60 14.00 5.94
C LEU C 103 -2.98 12.91 4.95
N VAL C 104 -2.02 12.05 4.59
CA VAL C 104 -2.23 10.91 3.64
C VAL C 104 -3.34 10.01 4.19
N ALA C 105 -3.22 9.62 5.47
CA ALA C 105 -4.18 8.73 6.18
C ALA C 105 -5.58 9.34 6.13
N LEU C 106 -5.73 10.58 6.60
CA LEU C 106 -7.01 11.35 6.57
C LEU C 106 -7.57 11.31 5.14
N ASP C 107 -6.72 11.56 4.14
CA ASP C 107 -7.12 11.75 2.73
C ASP C 107 -7.64 10.42 2.16
N VAL C 108 -6.89 9.33 2.36
CA VAL C 108 -7.26 7.97 1.86
C VAL C 108 -8.63 7.60 2.44
N PHE C 109 -8.79 7.77 3.76
CA PHE C 109 -10.08 7.54 4.47
C PHE C 109 -11.20 8.33 3.77
N MET C 110 -10.95 9.62 3.54
CA MET C 110 -11.89 10.57 2.89
C MET C 110 -12.43 9.94 1.59
N ILE C 111 -11.54 9.53 0.69
CA ILE C 111 -11.90 8.97 -0.64
C ILE C 111 -12.73 7.70 -0.44
N ILE C 112 -12.31 6.82 0.48
CA ILE C 112 -12.99 5.53 0.75
C ILE C 112 -14.43 5.80 1.20
N THR C 113 -14.64 6.73 2.14
CA THR C 113 -15.98 7.12 2.64
C THR C 113 -16.85 7.54 1.44
N GLY C 114 -16.27 8.26 0.49
CA GLY C 114 -16.93 8.70 -0.75
C GLY C 114 -17.40 7.51 -1.58
N PHE C 115 -16.53 6.53 -1.80
CA PHE C 115 -16.83 5.29 -2.56
C PHE C 115 -17.99 4.55 -1.88
N VAL C 116 -17.87 4.32 -0.57
CA VAL C 116 -18.89 3.59 0.24
C VAL C 116 -20.22 4.36 0.17
N ALA C 117 -20.17 5.68 0.40
CA ALA C 117 -21.34 6.58 0.33
C ALA C 117 -22.04 6.40 -1.04
N ASP C 118 -21.26 6.34 -2.11
CA ASP C 118 -21.77 6.21 -3.51
C ASP C 118 -22.47 4.86 -3.68
N LEU C 119 -21.99 3.82 -2.98
CA LEU C 119 -22.55 2.44 -3.03
C LEU C 119 -23.72 2.33 -2.05
N SER C 120 -23.93 3.33 -1.20
CA SER C 120 -24.95 3.34 -0.11
C SER C 120 -26.22 4.06 -0.57
N ILE C 121 -27.29 3.91 0.20
CA ILE C 121 -28.64 4.52 -0.06
C ILE C 121 -29.17 5.07 1.26
N GLY C 122 -29.96 6.16 1.20
CA GLY C 122 -30.61 6.78 2.37
C GLY C 122 -29.62 7.33 3.36
N THR C 123 -29.94 7.22 4.65
CA THR C 123 -29.19 7.83 5.79
C THR C 123 -27.75 7.30 5.79
N THR C 124 -27.55 6.04 5.42
CA THR C 124 -26.22 5.36 5.40
C THR C 124 -25.26 6.16 4.50
N LYS C 125 -25.72 6.51 3.30
CA LYS C 125 -24.95 7.32 2.31
C LYS C 125 -24.38 8.56 3.01
N TYR C 126 -25.22 9.31 3.73
CA TYR C 126 -24.88 10.66 4.24
C TYR C 126 -24.06 10.55 5.54
N ILE C 127 -24.14 9.42 6.24
CA ILE C 127 -23.24 9.11 7.39
C ILE C 127 -21.81 9.03 6.86
N TRP C 128 -21.58 8.23 5.83
CA TRP C 128 -20.25 8.04 5.18
C TRP C 128 -19.75 9.39 4.63
N TYR C 129 -20.57 10.06 3.82
CA TYR C 129 -20.28 11.40 3.25
C TYR C 129 -19.81 12.32 4.38
N SER C 130 -20.54 12.34 5.49
CA SER C 130 -20.29 13.19 6.68
C SER C 130 -18.91 12.88 7.27
N LEU C 131 -18.57 11.60 7.43
CA LEU C 131 -17.25 11.15 7.95
C LEU C 131 -16.14 11.68 7.04
N GLY C 132 -16.34 11.59 5.72
CA GLY C 132 -15.42 12.13 4.71
C GLY C 132 -15.24 13.63 4.85
N VAL C 133 -16.34 14.36 5.10
CA VAL C 133 -16.34 15.85 5.24
C VAL C 133 -15.52 16.20 6.50
N ILE C 134 -15.68 15.44 7.58
CA ILE C 134 -14.98 15.66 8.88
C ILE C 134 -13.47 15.50 8.65
N ALA C 135 -13.05 14.46 7.92
CA ALA C 135 -11.66 14.23 7.50
C ALA C 135 -11.13 15.45 6.73
N LEU C 136 -11.89 15.93 5.74
CA LEU C 136 -11.54 17.11 4.91
C LEU C 136 -11.32 18.34 5.82
N ILE C 137 -12.20 18.54 6.80
CA ILE C 137 -12.13 19.69 7.76
C ILE C 137 -10.81 19.60 8.53
N ILE C 138 -10.48 18.41 9.05
CA ILE C 138 -9.23 18.17 9.84
C ILE C 138 -8.02 18.46 8.94
N ILE C 139 -8.08 18.03 7.67
CA ILE C 139 -7.03 18.32 6.65
C ILE C 139 -6.89 19.84 6.50
N LEU C 140 -8.00 20.58 6.45
CA LEU C 140 -8.00 22.06 6.28
C LEU C 140 -7.41 22.71 7.53
N VAL C 141 -7.74 22.20 8.71
CA VAL C 141 -7.22 22.70 10.02
C VAL C 141 -5.70 22.53 10.03
N ILE C 142 -5.20 21.35 9.63
CA ILE C 142 -3.75 21.03 9.57
C ILE C 142 -3.09 21.96 8.56
N THR C 143 -3.70 22.11 7.38
CA THR C 143 -3.15 22.87 6.23
C THR C 143 -2.91 24.33 6.63
N PHE C 144 -3.88 24.98 7.28
CA PHE C 144 -3.85 26.43 7.61
C PHE C 144 -3.38 26.62 9.06
N GLY C 145 -3.07 25.52 9.74
CA GLY C 145 -2.60 25.52 11.14
C GLY C 145 -1.14 25.10 11.23
N PRO C 146 -0.86 23.88 11.78
CA PRO C 146 0.51 23.43 12.00
C PRO C 146 1.37 23.41 10.72
N LEU C 147 0.80 23.00 9.59
CA LEU C 147 1.54 22.89 8.31
C LEU C 147 1.98 24.28 7.83
N ARG C 148 1.10 25.28 8.00
CA ARG C 148 1.39 26.69 7.61
C ARG C 148 2.51 27.24 8.52
N ARG C 149 2.50 26.86 9.80
CA ARG C 149 3.50 27.32 10.80
C ARG C 149 4.88 26.78 10.42
N ILE C 150 4.93 25.55 9.88
CA ILE C 150 6.17 24.96 9.31
C ILE C 150 6.63 25.83 8.12
N ALA C 151 5.70 26.14 7.21
CA ALA C 151 5.95 27.02 6.05
C ALA C 151 6.56 28.34 6.53
N LEU C 152 5.95 28.96 7.54
CA LEU C 152 6.39 30.27 8.11
C LEU C 152 7.82 30.15 8.67
N SER C 153 8.17 28.96 9.20
CA SER C 153 9.49 28.69 9.83
C SER C 153 10.58 28.62 8.76
N ASN C 154 10.18 28.55 7.48
CA ASN C 154 11.11 28.38 6.33
C ASN C 154 11.21 29.68 5.54
N GLY C 155 10.74 30.80 6.10
CA GLY C 155 11.03 32.15 5.57
C GLY C 155 9.84 32.77 4.84
N THR C 156 9.88 34.10 4.71
CA THR C 156 8.80 34.96 4.15
C THR C 156 8.38 34.47 2.76
N ARG C 157 9.36 34.27 1.86
CA ARG C 157 9.11 33.99 0.43
C ARG C 157 8.43 32.61 0.29
N LEU C 158 8.96 31.58 0.94
CA LEU C 158 8.40 30.21 0.88
C LEU C 158 6.96 30.24 1.43
N ALA C 159 6.77 30.89 2.59
CA ALA C 159 5.47 31.00 3.29
C ALA C 159 4.43 31.64 2.37
N ARG C 160 4.81 32.71 1.66
CA ARG C 160 3.94 33.43 0.69
C ARG C 160 3.47 32.45 -0.38
N HIS C 161 4.39 31.66 -0.93
CA HIS C 161 4.12 30.66 -1.98
C HIS C 161 3.19 29.58 -1.43
N TYR C 162 3.53 28.99 -0.28
CA TYR C 162 2.74 27.92 0.37
C TYR C 162 1.29 28.37 0.52
N THR C 163 1.10 29.56 1.10
CA THR C 163 -0.24 30.16 1.37
C THR C 163 -1.06 30.16 0.08
N ARG C 164 -0.44 30.61 -1.02
CA ARG C 164 -1.06 30.70 -2.36
C ARG C 164 -1.53 29.30 -2.80
N VAL C 165 -0.65 28.30 -2.74
CA VAL C 165 -0.95 26.92 -3.26
C VAL C 165 -1.94 26.25 -2.29
N ALA C 166 -1.82 26.53 -0.99
CA ALA C 166 -2.74 26.02 0.05
C ALA C 166 -4.16 26.51 -0.25
N ILE C 167 -4.32 27.79 -0.58
CA ILE C 167 -5.65 28.41 -0.90
C ILE C 167 -6.16 27.79 -2.21
N TYR C 168 -5.31 27.73 -3.23
CA TYR C 168 -5.59 27.10 -4.55
C TYR C 168 -6.22 25.72 -4.33
N LEU C 169 -5.49 24.82 -3.67
CA LEU C 169 -5.90 23.40 -3.49
C LEU C 169 -7.15 23.33 -2.60
N SER C 170 -7.16 24.07 -1.48
CA SER C 170 -8.28 24.11 -0.52
C SER C 170 -9.59 24.52 -1.23
N ALA C 171 -9.51 25.47 -2.15
CA ALA C 171 -10.66 25.99 -2.94
C ALA C 171 -11.24 24.86 -3.80
N LEU C 172 -10.37 24.09 -4.45
CA LEU C 172 -10.75 22.92 -5.30
C LEU C 172 -11.30 21.82 -4.40
N TRP C 173 -10.67 21.58 -3.24
CA TRP C 173 -11.05 20.52 -2.27
C TRP C 173 -12.54 20.63 -1.95
N VAL C 174 -13.03 21.83 -1.60
CA VAL C 174 -14.42 22.05 -1.13
C VAL C 174 -15.39 21.81 -2.30
N CYS C 175 -14.95 22.06 -3.54
CA CYS C 175 -15.77 21.94 -4.77
C CYS C 175 -16.21 20.49 -5.00
N TYR C 176 -15.29 19.53 -4.82
CA TYR C 176 -15.51 18.09 -5.10
C TYR C 176 -16.69 17.56 -4.28
N PRO C 177 -16.66 17.68 -2.94
CA PRO C 177 -17.76 17.18 -2.10
C PRO C 177 -19.07 17.95 -2.35
N THR C 178 -18.97 19.20 -2.80
CA THR C 178 -20.14 20.05 -3.15
C THR C 178 -20.79 19.49 -4.42
N ALA C 179 -20.00 19.23 -5.45
CA ALA C 179 -20.45 18.64 -6.74
C ALA C 179 -21.05 17.26 -6.48
N TRP C 180 -20.33 16.40 -5.75
CA TRP C 180 -20.78 15.04 -5.37
C TRP C 180 -22.20 15.11 -4.80
N LEU C 181 -22.40 15.98 -3.80
CA LEU C 181 -23.68 16.12 -3.05
C LEU C 181 -24.80 16.60 -3.99
N LEU C 182 -24.49 17.53 -4.88
CA LEU C 182 -25.49 18.15 -5.81
C LEU C 182 -25.83 17.17 -6.93
N GLY C 183 -24.87 16.32 -7.32
CA GLY C 183 -24.98 15.43 -8.49
C GLY C 183 -25.76 14.15 -8.20
N PRO C 184 -25.83 13.21 -9.16
CA PRO C 184 -26.57 11.96 -9.02
C PRO C 184 -26.17 11.09 -7.81
N SER C 185 -24.93 11.19 -7.33
CA SER C 185 -24.40 10.40 -6.19
C SER C 185 -25.04 10.88 -4.89
N GLY C 186 -25.58 12.10 -4.89
CA GLY C 186 -26.16 12.75 -3.70
C GLY C 186 -27.63 13.07 -3.89
N LEU C 187 -27.96 14.36 -3.91
CA LEU C 187 -29.36 14.88 -3.91
C LEU C 187 -29.96 14.77 -5.32
N GLY C 188 -29.11 14.70 -6.35
CA GLY C 188 -29.53 14.53 -7.76
C GLY C 188 -30.20 15.78 -8.29
N LEU C 189 -29.73 16.95 -7.84
CA LEU C 189 -30.24 18.29 -8.30
C LEU C 189 -29.63 18.61 -9.67
N ALA C 190 -28.36 18.25 -9.88
CA ALA C 190 -27.62 18.50 -11.14
C ALA C 190 -27.72 17.27 -12.04
N GLN C 191 -27.86 17.48 -13.36
CA GLN C 191 -27.89 16.41 -14.39
C GLN C 191 -26.54 15.68 -14.41
N GLU C 192 -26.53 14.44 -14.90
CA GLU C 192 -25.32 13.58 -14.99
C GLU C 192 -24.24 14.30 -15.80
N LEU C 193 -24.62 14.89 -16.94
CA LEU C 193 -23.67 15.57 -17.87
C LEU C 193 -22.96 16.72 -17.14
N THR C 194 -23.71 17.47 -16.32
CA THR C 194 -23.18 18.62 -15.52
C THR C 194 -22.09 18.12 -14.59
N GLU C 195 -22.39 17.07 -13.81
CA GLU C 195 -21.43 16.43 -12.85
C GLU C 195 -20.18 15.97 -13.63
N VAL C 196 -20.39 15.28 -14.75
CA VAL C 196 -19.30 14.71 -15.59
C VAL C 196 -18.34 15.84 -15.98
N LEU C 197 -18.88 16.99 -16.41
CA LEU C 197 -18.08 18.15 -16.88
C LEU C 197 -17.30 18.75 -15.70
N VAL C 198 -17.95 18.87 -14.53
CA VAL C 198 -17.34 19.41 -13.29
C VAL C 198 -16.15 18.53 -12.89
N PHE C 199 -16.30 17.20 -12.97
CA PHE C 199 -15.27 16.19 -12.59
C PHE C 199 -14.35 15.91 -13.78
N ILE C 200 -14.42 16.75 -14.83
CA ILE C 200 -13.41 16.79 -15.92
C ILE C 200 -12.58 18.08 -15.77
N ILE C 201 -13.24 19.20 -15.44
CA ILE C 201 -12.65 20.56 -15.42
C ILE C 201 -11.83 20.75 -14.13
N LEU C 202 -12.44 20.51 -12.97
CA LEU C 202 -11.78 20.63 -11.65
C LEU C 202 -10.46 19.86 -11.66
N PRO C 203 -10.49 18.55 -12.01
CA PRO C 203 -9.27 17.73 -12.01
C PRO C 203 -8.11 18.35 -12.81
N ILE C 204 -8.43 19.00 -13.95
CA ILE C 204 -7.41 19.68 -14.81
C ILE C 204 -6.70 20.75 -13.99
N PHE C 205 -7.43 21.53 -13.19
CA PHE C 205 -6.88 22.59 -12.30
C PHE C 205 -6.11 21.96 -11.13
N SER C 206 -6.57 20.82 -10.62
CA SER C 206 -6.00 20.15 -9.43
C SER C 206 -4.82 19.26 -9.82
N LYR C 207 -4.95 18.54 -10.94
CA LYR C 207 -3.98 17.52 -11.31
C LYR C 207 -2.83 18.13 -12.11
O LYR C 207 -1.70 17.65 -12.03
CB LYR C 207 -4.65 16.39 -12.11
CG LYR C 207 -5.81 15.70 -11.39
CD LYR C 207 -5.38 14.56 -10.49
CE LYR C 207 -6.43 14.06 -9.51
NZ LYR C 207 -7.70 14.79 -9.58
C1 LYR C 207 -8.49 14.74 -8.36
C2 LYR C 207 -8.08 15.81 -7.37
C3 LYR C 207 -8.69 16.11 -6.19
C4 LYR C 207 -8.15 17.16 -5.32
C5 LYR C 207 -9.83 15.42 -5.70
C6 LYR C 207 -10.49 15.63 -4.50
C7 LYR C 207 -11.57 14.97 -3.93
C80 LYR C 207 -12.20 15.21 -2.69
C8 LYR C 207 -11.66 16.29 -1.84
C9 LYR C 207 -13.31 14.46 -2.25
C10 LYR C 207 -14.00 14.64 -1.07
C11 LYR C 207 -15.18 13.94 -0.65
C12 LYR C 207 -15.69 14.17 0.59
C13 LYR C 207 -15.15 15.18 1.56
C14 LYR C 207 -16.86 13.40 1.14
C15 LYR C 207 -17.20 12.15 0.34
C16 LYR C 207 -17.19 12.44 -1.11
C17 LYR C 207 -15.86 12.98 -1.62
C18 LYR C 207 -14.93 11.77 -1.88
C19 LYR C 207 -16.13 13.68 -2.96
N VAL C 208 -3.11 19.19 -12.87
CA VAL C 208 -2.08 19.86 -13.65
C VAL C 208 -1.85 21.27 -13.07
N GLY C 209 -2.91 22.07 -12.99
CA GLY C 209 -2.87 23.47 -12.54
C GLY C 209 -2.02 23.64 -11.30
N PHE C 210 -2.29 22.85 -10.25
CA PHE C 210 -1.66 22.97 -8.91
C PHE C 210 -0.14 22.88 -9.04
N SER C 211 0.36 21.86 -9.73
CA SER C 211 1.81 21.55 -9.85
C SER C 211 2.50 22.62 -10.70
N ILE C 212 1.83 23.14 -11.72
CA ILE C 212 2.33 24.29 -12.52
C ILE C 212 2.60 25.46 -11.56
N VAL C 213 1.57 25.87 -10.80
CA VAL C 213 1.66 26.97 -9.79
C VAL C 213 2.77 26.61 -8.79
N ASP C 214 2.69 25.42 -8.21
CA ASP C 214 3.59 24.94 -7.12
C ASP C 214 5.04 24.99 -7.59
N LEU C 215 5.36 24.26 -8.67
CA LEU C 215 6.73 24.08 -9.20
C LEU C 215 7.32 25.43 -9.62
N HIS C 216 6.57 26.26 -10.36
CA HIS C 216 7.01 27.60 -10.81
C HIS C 216 7.40 28.44 -9.59
N GLY C 217 6.54 28.47 -8.56
CA GLY C 217 6.76 29.21 -7.31
C GLY C 217 8.05 28.77 -6.63
N LEU C 218 8.27 27.46 -6.51
CA LEU C 218 9.45 26.85 -5.87
C LEU C 218 10.71 27.17 -6.70
N ARG C 219 10.64 26.94 -8.01
CA ARG C 219 11.75 27.19 -8.97
C ARG C 219 12.18 28.66 -8.87
N LYS C 220 11.21 29.57 -8.67
CA LYS C 220 11.44 31.04 -8.59
C LYS C 220 12.33 31.35 -7.39
N LEU C 221 12.23 30.55 -6.32
CA LEU C 221 12.98 30.74 -5.04
C LEU C 221 14.47 30.43 -5.26
N HIS C 222 14.80 29.70 -6.33
CA HIS C 222 16.18 29.32 -6.70
C HIS C 222 16.97 30.57 -7.10
N GLN C 223 18.19 30.71 -6.58
CA GLN C 223 19.13 31.80 -6.90
C GLN C 223 20.25 31.23 -7.80
N SER C 224 20.35 31.74 -9.03
CA SER C 224 21.33 31.31 -10.06
C SER C 224 21.24 32.24 -11.27
C15 LFA D . 6.10 -8.68 -27.46
C16 LFA D . 6.55 -7.33 -26.98
C17 LFA D . 7.75 -7.35 -26.07
C18 LFA D . 8.09 -6.01 -25.45
C19 LFA D . 9.45 -5.95 -24.79
C20 LFA D . 10.04 -4.55 -24.75
C1 LFA E . -9.50 -11.20 -7.27
C2 LFA E . -8.85 -10.08 -8.05
C3 LFA E . -7.53 -9.64 -7.50
C4 LFA E . -6.46 -9.39 -8.54
C5 LFA E . -5.66 -8.12 -8.33
C6 LFA E . -4.64 -7.85 -9.40
C7 LFA E . -3.92 -6.54 -9.25
C8 LFA E . -2.89 -6.26 -10.32
C1 OLA F . 21.23 5.04 -21.60
O1 OLA F . 20.30 5.80 -21.23
O2 OLA F . 22.43 5.23 -21.32
C2 OLA F . 20.86 3.80 -22.41
C3 OLA F . 19.40 3.64 -22.71
C4 OLA F . 18.97 2.18 -22.75
C5 OLA F . 17.94 1.88 -23.81
C6 OLA F . 17.28 0.53 -23.66
C7 OLA F . 15.88 0.44 -24.23
C8 OLA F . 15.35 -0.96 -24.37
C9 OLA F . 14.36 -1.13 -25.49
C10 OLA F . 13.76 -2.24 -25.82
C1 LFA G . 4.01 -18.70 2.01
C2 LFA G . 4.76 -19.88 1.44
C3 LFA G . 3.87 -20.95 0.88
C4 LFA G . 4.46 -22.33 0.93
C5 LFA G . 3.63 -23.40 0.26
C6 LFA G . 4.26 -24.77 0.27
C7 LFA G . 3.63 -25.76 -0.67
C8 LFA G . 4.20 -27.16 -0.59
C9 LFA G . 3.80 -28.07 -1.73
C12 LFA H . 16.14 -25.33 -4.98
C13 LFA H . 16.27 -23.93 -4.43
C14 LFA H . 17.26 -23.81 -3.29
C15 LFA H . 18.43 -22.89 -3.59
C16 LFA H . 19.78 -23.51 -3.28
C17 LFA H . 20.95 -22.61 -3.60
C18 LFA H . 22.29 -23.30 -3.58
C19 LFA H . 23.45 -22.40 -3.95
C20 LFA H . 24.78 -22.87 -3.42
C1 OLA I . 24.80 1.61 -22.43
O1 OLA I . 24.14 2.44 -21.78
O2 OLA I . 26.05 1.52 -22.38
C2 OLA I . 24.06 0.65 -23.35
C3 OLA I . 22.58 0.58 -23.12
C4 OLA I . 22.05 -0.84 -23.20
C5 OLA I . 20.80 -0.99 -24.02
C6 OLA I . 20.38 -2.42 -24.25
C7 OLA I . 19.12 -2.82 -23.50
C8 OLA I . 19.04 -4.29 -23.16
C9 OLA I . 17.80 -4.96 -23.67
C10 OLA I . 17.23 -6.01 -23.14
C11 OLA I . 17.93 -7.13 -22.45
C12 OLA I . 17.68 -8.47 -23.08
C10 OLC J . -3.33 -15.42 -2.45
C9 OLC J . -4.37 -15.44 -3.25
C11 OLC J . -2.12 -14.54 -2.62
C8 OLC J . -5.62 -16.22 -2.99
C12 OLC J . -1.15 -14.66 -1.48
C7 OLC J . -6.50 -16.37 -4.19
C13 OLC J . -1.79 -14.93 -0.13
C6 OLC J . -7.98 -16.41 -3.86
C5 OLC J . -8.52 -17.79 -3.58
C4 OLC J . -9.98 -17.81 -3.18
C3 OLC J . -10.92 -18.33 -4.26
C2 OLC J . -12.18 -18.90 -3.71
C21 OLC J . -14.43 -19.68 -5.81
C1 OLC J . -12.60 -20.17 -4.40
C22 OLC J . -14.61 -18.61 -6.88
O19 OLC J . -12.59 -21.27 -3.92
O20 OLC J . -13.01 -19.93 -5.65
C1 OLA K . 24.51 -14.78 -15.71
O1 OLA K . 24.40 -15.50 -14.69
O2 OLA K . 25.04 -13.65 -15.70
C2 OLA K . 23.94 -15.31 -17.02
C3 OLA K . 24.25 -16.74 -17.30
C4 OLA K . 23.51 -17.27 -18.50
C5 OLA K . 24.27 -18.32 -19.29
C6 OLA K . 23.59 -18.78 -20.55
C7 OLA K . 22.08 -18.92 -20.42
C8 OLA K . 21.43 -19.65 -21.55
C9 OLA K . 20.67 -18.75 -22.48
C10 OLA K . 19.58 -19.09 -23.14
C11 OLA K . 18.52 -20.01 -22.65
C12 OLA K . 18.23 -21.16 -23.58
C13 OLA K . 16.78 -21.25 -24.03
C14 OLA K . 16.00 -22.35 -23.34
C1 OLA L . 16.84 0.73 2.25
O1 OLA L . 16.87 -0.45 2.66
O2 OLA L . 17.65 1.60 2.61
C2 OLA L . 15.76 1.10 1.24
C3 OLA L . 14.41 0.53 1.51
C4 OLA L . 13.87 -0.29 0.34
C5 OLA L . 12.47 0.09 -0.09
C6 OLA L . 11.75 -0.98 -0.87
C7 OLA L . 10.29 -0.67 -1.17
C8 OLA L . 9.66 -1.55 -2.21
C9 OLA L . 8.19 -1.77 -2.00
C10 OLA L . 7.42 -2.48 -2.78
C11 OLA L . 6.00 -2.88 -2.48
C12 OLA L . 5.01 -2.43 -3.52
C13 OLA L . 3.57 -2.82 -3.21
C14 OLA L . 2.55 -2.25 -4.18
C15 OLA L . 1.12 -2.60 -3.85
C16 OLA L . 0.13 -2.28 -4.94
C17 OLA L . -1.23 -2.93 -4.77
C18 OLA L . -2.26 -2.48 -5.78
C7 LFA M . 3.81 4.24 -0.44
C8 LFA M . 4.85 5.33 -0.48
C9 LFA M . 5.86 5.26 0.63
C10 LFA M . 7.09 6.12 0.43
C11 LFA M . 7.87 6.41 1.69
C12 LFA M . 9.22 7.05 1.46
C13 LFA M . 9.68 7.95 2.58
C14 LFA M . 11.10 7.72 3.03
C15 LFA M . 11.90 8.99 3.25
C16 LFA M . 13.03 8.85 4.25
C17 LFA M . 14.39 9.19 3.70
C10 OLC N . 9.34 -18.39 6.27
C9 OLC N . 10.51 -17.85 6.48
C11 OLC N . 8.04 -17.66 6.31
C8 OLC N . 11.83 -18.54 6.46
C12 OLC N . 6.85 -18.51 5.99
C7 OLC N . 12.37 -18.82 7.84
C13 OLC N . 5.50 -17.84 6.25
C6 OLC N . 12.45 -17.60 8.74
C14 OLC N . 4.31 -18.74 6.08
C5 OLC N . 12.62 -17.92 10.21
C4 OLC N . 12.61 -16.70 11.10
C3 OLC N . 12.84 -17.01 12.58
C2 OLC N . 12.69 -15.81 13.45
C21 OLC N . 15.83 -13.90 13.17
C1 OLC N . 14.01 -15.21 13.87
C22 OLC N . 16.07 -12.84 12.11
O19 OLC N . 14.47 -15.26 14.98
O23 OLC N . 16.54 -11.65 12.75
O20 OLC N . 14.62 -14.60 12.86
C1 OLA O . 13.00 -12.74 9.28
O1 OLA O . 12.99 -12.49 10.50
O2 OLA O . 14.00 -13.19 8.67
C2 OLA O . 11.74 -12.47 8.47
C3 OLA O . 10.95 -13.68 8.10
C4 OLA O . 10.46 -13.65 6.67
C5 OLA O . 9.31 -12.70 6.43
C6 OLA O . 8.69 -12.80 5.05
C7 OLA O . 7.23 -12.40 4.98
C8 OLA O . 6.33 -13.43 4.36
C9 OLA O . 5.50 -12.89 3.23
C10 OLA O . 4.82 -11.76 3.25
C11 OLA O . 4.04 -11.18 2.12
C12 OLA O . 3.54 -9.79 2.37
C13 OLA O . 3.90 -8.78 1.29
C14 OLA O . 3.04 -7.55 1.28
C15 OLA O . 1.66 -7.76 0.71
C16 OLA O . 0.82 -6.49 0.62
C17 OLA O . -0.64 -6.74 0.35
C1 OLA P . 13.99 10.43 -0.39
O1 OLA P . 15.12 10.23 -0.85
O2 OLA P . 13.73 10.44 0.84
C2 OLA P . 12.84 10.65 -1.36
C3 OLA P . 11.79 9.58 -1.39
C4 OLA P . 10.73 9.84 -2.45
C5 OLA P . 9.68 8.76 -2.57
C6 OLA P . 8.28 9.29 -2.80
C7 OLA P . 7.76 9.06 -4.22
C8 OLA P . 6.30 8.79 -4.29
C9 OLA P . 5.82 8.48 -5.67
C10 OLA P . 5.27 7.36 -6.07
C11 OLA P . 5.04 6.14 -5.23
C12 OLA P . 3.63 5.62 -5.30
C13 OLA P . 3.20 5.15 -6.69
C14 OLA P . 1.75 4.77 -6.79
C15 OLA P . 1.37 4.14 -8.11
C16 OLA P . 0.06 3.36 -8.07
C17 OLA P . -0.03 2.37 -6.94
C18 OLA P . -1.29 1.53 -6.96
C1 LFA Q . 3.55 -3.95 -28.53
C2 LFA Q . 2.11 -3.83 -28.98
C3 LFA Q . 1.48 -5.15 -29.36
C4 LFA Q . 0.10 -5.06 -29.95
C5 LFA Q . -0.35 -6.32 -30.66
C6 LFA Q . -1.53 -6.13 -31.58
C7 LFA Q . -2.25 -7.40 -31.96
C8 LFA Q . -3.62 -7.19 -32.56
C9 LFA Q . -4.23 -8.43 -33.17
C10 LFA Q . -5.73 -8.56 -32.94
C1 LFA R . -1.28 -8.82 -35.89
C2 LFA R . 0.08 -8.31 -35.46
C3 LFA R . 0.70 -9.12 -34.36
C4 LFA R . 2.16 -8.81 -34.10
C5 LFA R . 2.41 -7.45 -33.50
C6 LFA R . 3.82 -7.26 -32.98
C7 LFA R . 4.26 -8.31 -31.99
C8 LFA R . 5.52 -7.96 -31.23
C1 LFA S . 13.28 2.36 -27.44
C2 LFA S . 13.97 3.68 -27.16
C3 LFA S . 15.34 3.53 -26.56
C4 LFA S . 16.21 4.76 -26.69
C1 LFA T . 6.74 -26.30 -23.79
C2 LFA T . 7.91 -25.94 -22.90
C3 LFA T . 8.55 -24.62 -23.25
C4 LFA T . 9.50 -24.09 -22.19
C5 LFA T . 9.92 -22.65 -22.39
C6 LFA T . 10.71 -22.07 -21.24
C7 LFA T . 11.28 -20.71 -21.50
C8 LFA T . 12.23 -20.21 -20.43
C9 LFA T . 13.46 -21.07 -20.25
C10 LFA T . 14.46 -20.52 -19.26
C11 LFA T . 15.20 -19.29 -19.73
C12 LFA T . 16.67 -19.28 -19.38
C13 LFA T . 16.99 -18.46 -18.15
C14 LFA T . 18.43 -18.58 -17.69
C15 LFA T . 18.82 -17.56 -16.65
C16 LFA T . 19.47 -16.32 -17.20
C17 LFA T . 18.82 -15.79 -18.46
C18 LFA T . 19.58 -14.65 -19.11
C19 LFA T . 21.05 -14.89 -19.29
C20 LFA T . 21.90 -13.65 -19.10
C10 OLC U . 15.32 -25.84 -10.99
C9 OLC U . 15.85 -25.68 -9.80
C11 OLC U . 15.67 -25.07 -12.22
C8 OLC U . 16.92 -24.70 -9.43
C24 OLC U . 25.99 -18.31 -8.45
C12 OLC U . 14.82 -25.40 -13.41
C7 OLC U . 16.37 -23.38 -8.96
C6 OLC U . 17.34 -22.21 -9.08
C5 OLC U . 17.49 -21.67 -10.48
C4 OLC U . 18.57 -20.64 -10.64
C3 OLC U . 19.97 -21.15 -10.31
C2 OLC U . 20.87 -20.06 -9.76
C21 OLC U . 23.75 -18.89 -9.49
C1 OLC U . 21.89 -19.58 -10.75
C22 OLC U . 25.14 -19.36 -9.12
O19 OLC U . 21.63 -19.00 -11.78
O25 OLC U . 26.41 -17.31 -9.37
O23 OLC U . 25.04 -20.50 -8.28
O20 OLC U . 23.13 -19.85 -10.36
C1 LFA V . -10.12 -12.88 -3.76
C2 LFA V . -8.85 -13.19 -3.00
C3 LFA V . -7.92 -12.00 -2.87
C4 LFA V . -6.86 -12.16 -1.80
C5 LFA V . -6.05 -10.91 -1.52
C6 LFA V . -4.72 -10.86 -2.20
C7 LFA V . -3.99 -9.55 -2.06
C13 LFA W . -5.79 -22.62 17.75
C14 LFA W . -4.48 -22.33 17.07
C15 LFA W . -3.82 -21.06 17.52
C16 LFA W . -2.31 -21.11 17.50
C17 LFA W . -1.63 -19.94 18.19
C18 LFA W . -0.13 -20.03 18.24
C19 LFA W . 0.40 -21.23 18.98
C1 LFA X . 6.48 0.31 1.59
C2 LFA X . 7.85 0.24 2.21
C3 LFA X . 8.38 1.57 2.69
C4 LFA X . 9.77 1.52 3.25
C5 LFA X . 10.40 2.88 3.49
C6 LFA X . 11.78 2.83 4.11
C7 LFA X . 12.44 4.17 4.26
C8 LFA X . 13.94 4.10 4.50
C9 LFA X . 14.34 4.23 5.95
C1 LFA Y . 8.01 -5.49 2.29
C2 LFA Y . 9.48 -5.33 2.60
C3 LFA Y . 10.09 -4.07 2.06
C4 LFA Y . 11.48 -3.76 2.56
C5 LFA Y . 11.50 -2.92 3.83
C6 LFA Y . 12.86 -2.37 4.19
C7 LFA Y . 12.82 -1.27 5.23
C8 LFA Y . 13.99 -0.31 5.18
C9 LFA Y . 15.11 -0.65 6.13
C10 LFA Y . 16.08 0.48 6.38
C11 LFA Y . 17.13 0.17 7.42
C2 LFA Z . -16.04 -7.73 -0.88
C3 LFA Z . -14.88 -8.19 -0.04
C4 LFA Z . -13.59 -7.44 -0.31
C5 LFA Z . -12.86 -6.98 0.94
C6 LFA Z . -12.02 -8.05 1.59
C7 LFA Z . -10.59 -7.65 1.82
C8 LFA Z . -9.83 -8.55 2.77
C9 LFA Z . -8.38 -8.18 2.96
C10 LFA Z . -7.48 -9.34 3.31
C1 OLA AA . 10.62 7.47 13.38
O1 OLA AA . 9.79 7.83 14.23
O2 OLA AA . 11.63 8.14 13.08
C2 OLA AA . 10.40 6.15 12.66
C3 OLA AA . 9.00 5.63 12.72
C4 OLA AA . 8.73 4.54 11.71
C5 OLA AA . 7.27 4.17 11.56
C6 OLA AA . 7.02 2.99 10.66
C7 OLA AA . 5.56 2.57 10.56
C8 OLA AA . 5.32 1.42 9.63
C9 OLA AA . 3.89 1.00 9.55
C10 OLA AA . 3.38 0.21 8.64
C11 OLA AA . 2.00 -0.33 8.61
C12 OLA AA . 1.08 0.42 7.70
C13 OLA AA . -0.15 -0.35 7.27
C14 OLA AA . -0.15 -0.72 5.81
C15 OLA AA . -0.45 -2.18 5.53
C16 OLA AA . -0.94 -2.46 4.13
C17 OLA AA . -1.68 -3.77 3.98
C18 OLA AA . -2.60 -3.82 2.77
C1 LFA BA . -10.52 12.10 15.34
C2 LFA BA . -9.26 12.26 16.15
C3 LFA BA . -9.00 13.67 16.60
C4 LFA BA . -7.92 14.39 15.83
C5 LFA BA . -8.06 15.89 15.82
C6 LFA BA . -7.23 16.58 14.76
C7 LFA BA . -6.94 18.04 15.04
C8 LFA BA . -6.03 18.69 14.03
C9 LFA BA . -5.00 19.62 14.61
C10 LFA BA . -3.57 19.17 14.40
C1 OLA CA . -3.05 14.89 14.27
O1 OLA CA . -2.81 14.26 15.33
O2 OLA CA . -2.45 15.94 13.95
C2 OLA CA . -4.10 14.33 13.33
C3 OLA CA . -4.25 12.84 13.34
C4 OLA CA . -5.46 12.35 12.55
C5 OLA CA . -5.63 10.86 12.52
C6 OLA CA . -5.61 10.25 11.14
C7 OLA CA . -6.89 9.51 10.75
C8 OLA CA . -6.65 8.22 10.04
C9 OLA CA . -7.90 7.56 9.52
C10 OLA CA . -7.93 6.51 8.74
C11 OLA CA . -6.78 5.59 8.46
C12 OLA CA . -6.51 5.39 6.99
C13 OLA CA . -5.39 4.40 6.69
C14 OLA CA . -5.73 3.38 5.63
C1 OLA DA . 15.11 -16.26 22.60
O1 OLA DA . 15.78 -16.46 21.55
O2 OLA DA . 15.48 -15.49 23.51
C2 OLA DA . 13.79 -16.99 22.76
C3 OLA DA . 12.83 -16.81 21.62
C4 OLA DA . 11.84 -17.96 21.52
C5 OLA DA . 10.40 -17.52 21.40
C6 OLA DA . 9.42 -18.67 21.32
C7 OLA DA . 7.96 -18.27 21.48
C8 OLA DA . 7.06 -18.80 20.40
C9 OLA DA . 5.92 -19.61 20.91
C10 OLA DA . 4.94 -20.08 20.18
C11 OLA DA . 3.85 -21.00 20.65
C12 OLA DA . 2.55 -20.29 20.89
C1 LFA EA . -16.91 -4.00 -1.25
C2 LFA EA . -16.54 -2.62 -0.77
C3 LFA EA . -15.18 -2.55 -0.10
C4 LFA EA . -14.90 -1.23 0.58
C5 LFA EA . -13.49 -0.73 0.41
C6 LFA EA . -12.64 -0.82 1.65
C7 LFA EA . -11.23 -0.29 1.49
C8 LFA EA . -10.16 -1.35 1.51
C1 LFA FA . -12.79 -31.41 9.69
C2 LFA FA . -11.30 -31.51 9.85
C3 LFA FA . -10.73 -30.54 10.86
C4 LFA FA . -9.28 -30.17 10.63
C5 LFA FA . -8.76 -29.09 11.57
C6 LFA FA . -7.40 -28.56 11.20
C7 LFA FA . -6.78 -27.70 12.27
C8 LFA FA . -5.42 -27.13 11.92
C9 LFA FA . -4.69 -26.50 13.09
C10 LFA FA . -3.32 -25.96 12.75
C11 LFA FA . -2.65 -25.22 13.89
C1 OLA GA . -4.80 8.23 33.68
O1 OLA GA . -4.51 7.21 34.35
O2 OLA GA . -4.12 9.28 33.70
C2 OLA GA . -6.03 8.18 32.79
C3 OLA GA . -6.68 6.83 32.68
C4 OLA GA . -7.14 6.52 31.26
C5 OLA GA . -8.42 7.21 30.86
C6 OLA GA . -9.40 6.34 30.11
C7 OLA GA . -9.12 6.25 28.61
C8 OLA GA . -10.32 6.47 27.74
C9 OLA GA . -10.54 5.39 26.73
C10 OLA GA . -11.70 5.01 26.26
C11 OLA GA . -12.38 3.71 26.54
C12 OLA GA . -13.71 3.86 27.22
C1 OLA HA . -2.12 1.43 33.09
O1 OLA HA . -1.59 0.35 33.43
O2 OLA HA . -1.48 2.50 32.98
C2 OLA HA . -3.61 1.44 32.81
C3 OLA HA . -4.20 0.11 32.46
C4 OLA HA . -5.50 0.22 31.69
C5 OLA HA . -5.97 -1.06 31.06
C6 OLA HA . -6.93 -0.89 29.91
C7 OLA HA . -7.65 -2.16 29.50
C8 OLA HA . -8.57 -2.00 28.32
C9 OLA HA . -9.48 -0.83 28.43
C10 OLA HA . -10.45 -0.53 27.61
C11 OLA HA . -11.25 0.74 27.62
C12 OLA HA . -12.73 0.52 27.68
C1 OLA IA . 13.07 -15.73 27.31
O1 OLA IA . 12.51 -16.15 28.34
O2 OLA IA . 14.30 -15.52 27.24
C2 OLA IA . 12.23 -15.45 26.09
C3 OLA IA . 11.37 -16.59 25.64
C4 OLA IA . 9.97 -16.53 26.21
C5 OLA IA . 8.90 -17.14 25.34
C6 OLA IA . 7.50 -16.69 25.68
C7 OLA IA . 6.43 -17.12 24.67
C8 OLA IA . 5.14 -16.37 24.82
C9 OLA IA . 4.01 -16.95 24.01
C10 OLA IA . 2.75 -16.62 24.10
C11 OLA IA . 2.16 -15.62 25.04
C12 OLA IA . 0.78 -15.96 25.48
C10 OLC JA . -13.52 0.69 6.22
C9 OLC JA . -14.59 0.61 5.47
C11 OLC JA . -12.76 1.95 6.52
C8 OLC JA . -15.36 -0.64 5.17
C24 OLC JA . -25.29 -2.23 0.18
C12 OLC JA . -13.50 3.18 6.14
C7 OLC JA . -16.61 -0.39 4.39
C6 OLC JA . -17.43 -1.64 4.11
C5 OLC JA . -17.89 -1.77 2.68
C4 OLC JA . -19.39 -1.76 2.52
C3 OLC JA . -19.86 -1.69 1.08
C2 OLC JA . -20.78 -2.82 0.71
C21 OLC JA . -23.76 -4.11 0.91
C1 OLC JA . -22.21 -2.38 0.55
C22 OLC JA . -25.14 -3.48 1.01
O19 OLC JA . -22.65 -1.30 0.87
O25 OLC JA . -25.10 -1.05 0.95
O23 OLC JA . -26.11 -4.45 0.62
O20 OLC JA . -22.96 -3.33 0.00
C1 OLA KA . -6.15 -30.37 -1.00
O1 OLA KA . -6.45 -30.46 -2.21
O2 OLA KA . -6.79 -29.66 -0.19
C2 OLA KA . -4.96 -31.16 -0.49
C3 OLA KA . -3.65 -30.79 -1.14
C4 OLA KA . -2.49 -30.81 -0.17
C5 OLA KA . -1.56 -29.62 -0.29
C6 OLA KA . -0.22 -29.80 0.37
C7 OLA KA . 0.62 -28.54 0.46
C8 OLA KA . 0.42 -27.75 1.72
C9 OLA KA . 1.68 -27.10 2.22
C18 OLC LA . -13.80 6.03 14.39
C10 OLC LA . -21.72 5.26 17.03
C9 OLC LA . -22.42 5.78 18.01
C17 OLC LA . -14.40 6.10 12.99
C11 OLC LA . -20.32 5.62 16.67
C8 OLC LA . -23.79 5.33 18.43
C16 OLC LA . -15.88 5.86 12.97
C12 OLC LA . -20.22 6.54 15.48
C7 OLC LA . -24.89 6.02 17.70
C15 OLC LA . -16.67 6.76 13.88
C13 OLC LA . -18.82 7.04 15.20
C6 OLC LA . -25.68 5.11 16.76
C14 OLC LA . -18.10 6.32 14.09
C5 OLC LA . -26.68 4.21 17.46
C4 OLC LA . -27.72 3.61 16.55
C3 OLC LA . -28.56 2.51 17.17
C2 OLC LA . -28.95 1.44 16.20
C1 OLC LA . -30.24 1.74 15.47
O19 OLC LA . -31.08 0.91 15.18
O20 OLC LA . -30.35 3.02 15.16
C10 OLC MA . -22.43 12.66 11.43
C9 OLC MA . -21.41 12.09 12.01
C11 OLC MA . -23.50 11.96 10.65
C8 OLC MA . -21.11 10.62 12.02
C24 OLC MA . -28.77 4.24 9.12
C12 OLC MA . -24.53 12.89 10.07
C7 OLC MA . -21.62 9.91 13.24
C6 OLC MA . -21.96 8.45 13.01
C5 OLC MA . -23.25 8.00 13.64
C4 OLC MA . -23.77 6.67 13.14
C3 OLC MA . -25.21 6.38 13.52
C2 OLC MA . -26.09 6.13 12.34
C21 OLC MA . -28.97 3.96 11.63
C1 OLC MA . -27.25 5.21 12.63
C22 OLC MA . -29.63 3.79 10.28
O19 OLC MA . -27.48 4.70 13.69
O25 OLC MA . -29.44 4.08 7.88
O23 OLC MA . -29.98 2.42 10.11
O20 OLC MA . -28.00 5.03 11.54
C1 LFA NA . -6.37 -7.99 29.27
C2 LFA NA . -5.59 -8.54 28.10
C3 LFA NA . -4.65 -9.66 28.48
C4 LFA NA . -3.64 -9.28 29.56
C5 LFA NA . -2.54 -10.30 29.76
C6 LFA NA . -1.35 -9.76 30.52
C1 LFA OA . -12.88 -33.37 13.03
C2 LFA OA . -11.59 -33.71 13.73
C3 LFA OA . -10.85 -32.51 14.26
C4 LFA OA . -9.42 -32.78 14.67
C5 LFA OA . -8.61 -31.53 14.91
C6 LFA OA . -7.13 -31.80 15.13
C7 LFA OA . -6.31 -30.56 15.39
C8 LFA OA . -6.75 -29.77 16.60
C9 LFA OA . -5.86 -28.59 16.92
C10 LFA OA . -6.52 -27.51 17.74
C11 LFA OA . -5.93 -26.13 17.55
C1 LFA PA . -10.79 -16.82 27.95
C2 LFA PA . -9.42 -16.46 27.43
C3 LFA PA . -8.70 -15.43 28.27
C4 LFA PA . -7.87 -14.45 27.46
C5 LFA PA . -6.63 -13.95 28.17
C6 LFA PA . -5.71 -13.14 27.30
C1 LFA QA . -13.57 -4.40 31.77
C2 LFA QA . -12.39 -3.46 31.67
C3 LFA QA . -11.45 -3.55 32.85
C4 LFA QA . -10.53 -2.36 32.99
C5 LFA QA . -9.37 -2.57 33.94
C6 LFA QA . -8.55 -1.33 34.20
C7 LFA QA . -7.53 -1.49 35.30
C8 LFA QA . -6.55 -0.35 35.40
C1 LFA RA . -5.50 -35.08 4.21
C2 LFA RA . -4.14 -34.63 3.73
C3 LFA RA . -4.08 -33.17 3.37
C4 LFA RA . -2.90 -32.78 2.51
C5 LFA RA . -1.57 -32.88 3.21
C6 LFA RA . -1.39 -31.88 4.34
C7 LFA RA . -0.01 -31.88 4.94
C8 LFA RA . 1.06 -31.32 4.03
C9 LFA RA . 2.36 -30.98 4.73
C10 LFA RA . 3.41 -30.37 3.83
C1 LFA SA . -6.17 -39.56 2.40
C2 LFA SA . -5.13 -38.52 2.76
C3 LFA SA . -3.92 -39.08 3.47
C4 LFA SA . -2.60 -38.53 2.99
C5 LFA SA . -1.74 -37.97 4.09
C6 LFA SA . -0.41 -37.42 3.63
C7 LFA SA . 0.14 -36.31 4.49
C8 LFA SA . 1.51 -36.59 5.06
C9 LFA SA . 2.64 -35.91 4.30
C10 LFA SA . 3.77 -35.43 5.18
C11 LFA SA . 5.14 -35.68 4.61
C1 LFA TA . -15.79 -18.47 18.13
C2 LFA TA . -16.01 -18.24 19.61
C3 LFA TA . -15.10 -19.07 20.48
C4 LFA TA . -15.28 -18.83 21.97
C5 LFA TA . -14.03 -19.04 22.78
C6 LFA TA . -12.90 -18.12 22.40
C7 LFA TA . -11.56 -18.53 22.99
C8 LFA TA . -10.55 -17.41 23.06
C9 LFA TA . -10.40 -16.79 24.42
C10 LFA TA . -11.58 -15.97 24.86
C2 LFA UA . -11.91 -30.65 6.27
C3 LFA UA . -10.90 -31.77 6.13
C4 LFA UA . -9.50 -31.42 6.60
C5 LFA UA . -8.57 -32.60 6.70
C6 LFA UA . -7.28 -32.31 7.41
C7 LFA UA . -6.46 -31.21 6.78
C8 LFA UA . -5.17 -30.90 7.50
C9 LFA UA . -4.47 -29.66 7.00
C10 LFA UA . -3.07 -29.47 7.55
C11 LFA UA . -2.42 -28.17 7.13
C12 LFA UA . -0.92 -28.24 6.97
C13 LFA UA . -0.34 -27.17 6.07
C14 LFA UA . 1.16 -27.14 6.02
C15 LFA UA . 1.72 -26.25 4.94
C1 LFA VA . -9.70 -35.55 10.18
C2 LFA VA . -8.85 -34.74 11.15
C3 LFA VA . -7.53 -34.30 10.56
C4 LFA VA . -6.72 -33.40 11.47
C5 LFA VA . -5.37 -33.01 10.90
C6 LFA VA . -4.56 -32.09 11.79
C7 LFA VA . -3.68 -31.13 11.02
C8 LFA VA . -2.53 -30.56 11.83
C9 LFA VA . -1.77 -29.47 11.12
C10 LFA VA . -0.42 -29.14 11.74
C1 LFA WA . -7.82 -19.06 24.66
C2 LFA WA . -6.33 -19.18 24.90
C3 LFA WA . -5.75 -18.07 25.75
C4 LFA WA . -4.25 -18.07 25.82
C5 LFA WA . -3.66 -16.95 26.64
C6 LFA WA . -3.48 -17.28 28.10
C7 LFA WA . -2.69 -16.25 28.87
C8 LFA WA . -3.14 -16.05 30.30
C9 LFA WA . -2.61 -14.80 30.96
C10 LFA WA . -1.11 -14.62 30.83
C11 LFA WA . -0.60 -13.30 31.35
C12 LFA WA . 0.71 -13.40 32.10
C13 LFA WA . 0.58 -13.91 33.52
C14 LFA WA . 1.88 -14.33 34.15
C15 LFA WA . 1.82 -15.68 34.84
C10 OLC XA . -10.89 -8.34 33.30
C9 OLC XA . -9.85 -8.40 32.50
C11 OLC XA . -11.89 -9.43 33.54
C8 OLC XA . -8.87 -7.30 32.27
C7 OLC XA . -8.07 -6.96 33.49
C6 OLC XA . -7.29 -5.65 33.37
C5 OLC XA . -6.10 -5.71 32.45
C4 OLC XA . -5.34 -4.42 32.33
C3 OLC XA . -4.01 -4.52 31.59
C2 OLC XA . -3.09 -5.53 32.19
C1 OLC XA . -1.65 -5.11 32.19
O19 OLC XA . -0.83 -6.16 32.15
O20 OLC XA . -1.27 -3.96 32.22
C6 LFA YA . -0.59 5.25 6.94
C7 LFA YA . -0.91 5.16 8.41
C8 LFA YA . -0.17 6.16 9.28
C9 LFA YA . 0.82 5.54 10.25
C10 LFA YA . 2.25 5.55 9.76
C11 LFA YA . 3.16 6.48 10.53
C12 LFA YA . 4.52 6.68 9.89
C13 LFA YA . 5.15 8.03 10.17
C14 LFA YA . 6.64 8.09 9.87
C15 LFA YA . 7.34 9.31 10.43
C16 LFA YA . 8.83 9.16 10.59
C17 LFA YA . 9.49 10.28 11.35
C1 LFA ZA . -13.46 -5.18 -11.68
C2 LFA ZA . -12.01 -5.02 -12.09
C3 LFA ZA . -11.38 -3.74 -11.59
C4 LFA ZA . -9.88 -3.77 -11.55
C5 LFA ZA . -9.24 -2.62 -10.82
C6 LFA ZA . -7.77 -2.42 -11.12
C7 LFA ZA . -6.92 -2.15 -9.91
C8 LFA ZA . -6.53 -0.71 -9.72
C9 LFA ZA . -5.77 -0.42 -8.46
C10 LFA ZA . -6.63 -0.14 -7.25
C11 LFA ZA . -5.95 0.64 -6.16
C12 LFA ZA . -6.66 0.61 -4.83
C13 LFA ZA . -7.29 -0.72 -4.49
C1 OLA AB . 12.24 13.34 0.86
O1 OLA AB . 13.00 13.66 -0.08
O2 OLA AB . 12.64 12.97 1.98
C2 OLA AB . 10.75 13.39 0.61
C3 OLA AB . 9.98 12.23 1.17
C4 OLA AB . 8.48 12.47 1.17
C5 OLA AB . 7.66 11.21 1.12
C6 OLA AB . 6.45 11.30 0.22
C7 OLA AB . 5.54 10.07 0.26
C8 OLA AB . 4.20 10.29 -0.37
C9 OLA AB . 3.24 9.17 -0.17
C10 OLA AB . 2.06 9.09 -0.73
C11 OLA AB . 1.13 7.92 -0.68
C12 OLA AB . 0.65 7.48 -2.03
C13 OLA AB . -0.07 6.15 -2.03
C14 OLA AB . -1.15 6.02 -0.99
C15 OLA AB . -1.65 4.61 -0.79
C16 OLA AB . -3.16 4.48 -0.80
C17 OLA AB . -3.67 3.07 -1.03
C18 OLA AB . -5.16 2.93 -0.82
C1 LFA BB . -15.02 6.56 -30.60
C2 LFA BB . -13.77 6.77 -29.79
C3 LFA BB . -12.89 7.88 -30.30
C4 LFA BB . -11.61 8.09 -29.52
C5 LFA BB . -10.68 9.14 -30.09
C6 LFA BB . -9.46 9.42 -29.23
C2 LFA CB . -11.45 3.52 -29.35
C3 LFA CB . -10.20 4.32 -29.60
C4 LFA CB . -9.52 4.85 -28.35
C5 LFA CB . -8.02 4.95 -28.46
C6 LFA CB . -7.33 5.33 -27.17
C7 LFA CB . -5.84 5.49 -27.27
C8 LFA CB . -5.15 5.86 -25.98
C9 LFA CB . -3.66 6.02 -26.09
C2 LFA DB . -6.83 10.05 -27.11
C3 LFA DB . -6.20 10.33 -25.76
C4 LFA DB . -5.35 9.21 -25.22
C5 LFA DB . -4.52 9.59 -24.02
C6 LFA DB . -3.83 8.41 -23.35
C7 LFA DB . -3.32 8.71 -21.96
C8 LFA DB . -2.69 7.54 -21.26
C9 LFA DB . -2.09 7.86 -19.92
C10 LFA DB . -1.54 6.66 -19.17
C11 LFA DB . -0.24 6.92 -18.45
C1 LFA EB . 1.05 6.14 -13.10
C2 LFA EB . 2.42 5.94 -12.52
C3 LFA EB . 3.49 5.73 -13.55
C4 LFA EB . 4.89 6.04 -13.08
C5 LFA EB . 5.33 7.45 -13.34
C6 LFA EB . 6.76 7.74 -12.96
C7 LFA EB . 7.67 8.07 -14.12
C8 LFA EB . 9.04 8.53 -13.72
C9 LFA EB . 10.03 8.68 -14.86
C10 LFA EB . 11.10 9.72 -14.64
C11 LFA EB . 12.41 9.16 -14.11
C12 LFA EB . 13.55 10.15 -14.13
C1 LFA FB . -1.87 21.55 -20.80
C2 LFA FB . -0.49 21.10 -20.37
C3 LFA FB . 0.32 22.16 -19.65
C4 LFA FB . 1.74 22.30 -20.12
C5 LFA FB . 2.39 23.62 -19.77
C10 OLC GB . -12.75 24.71 7.84
C9 OLC GB . -11.92 24.94 8.83
C8 OLC GB . -10.58 25.59 8.72
C24 OLC GB . -5.65 22.92 16.17
C7 OLC GB . -10.46 26.86 9.52
C6 OLC GB . -9.04 27.36 9.71
C5 OLC GB . -8.23 26.56 10.69
C4 OLC GB . -7.12 27.33 11.36
C3 OLC GB . -6.19 26.46 12.20
C2 OLC GB . -5.41 27.26 13.21
C21 OLC GB . -4.05 24.18 14.68
C1 OLC GB . -4.50 26.41 14.06
C22 OLC GB . -4.40 23.77 16.09
O19 OLC GB . -3.47 26.79 14.56
O25 OLC GB . -5.91 22.51 17.51
O23 OLC GB . -3.29 23.07 16.65
O20 OLC GB . -4.99 25.19 14.24
C4 LFA HB . -15.38 -2.85 -9.46
C5 LFA HB . -15.07 -2.12 -8.18
C6 LFA HB . -13.61 -1.74 -8.03
C7 LFA HB . -13.21 -1.39 -6.61
C8 LFA HB . -13.02 0.10 -6.35
C9 LFA HB . -12.24 0.42 -5.09
C10 LFA HB . -12.01 1.90 -4.88
C11 LFA HB . -11.72 2.27 -3.45
C12 LFA HB . -11.09 3.63 -3.28
C1 OLA IB . 2.12 30.56 -13.14
O1 OLA IB . 1.94 30.54 -11.90
O2 OLA IB . 3.22 30.80 -13.68
C2 OLA IB . 0.92 30.29 -14.04
C3 OLA IB . -0.22 29.58 -13.37
C4 OLA IB . -1.43 29.41 -14.29
C5 OLA IB . -1.89 27.98 -14.46
C6 OLA IB . -3.19 27.65 -13.76
C7 OLA IB . -3.93 26.45 -14.34
C1 LFA JB . -22.11 21.27 1.67
C2 LFA JB . -20.82 20.60 1.25
C3 LFA JB . -19.70 20.76 2.24
C4 LFA JB . -18.37 20.25 1.76
C5 LFA JB . -17.26 20.32 2.79
C6 LFA JB . -16.56 21.65 2.87
C7 LFA JB . -15.41 21.69 3.85
C10 OLC KB . -7.48 1.84 -13.57
C9 OLC KB . -8.64 1.29 -13.85
C11 OLC KB . -6.13 1.32 -13.95
C8 OLC KB . -8.83 0.00 -14.60
C12 OLC KB . -5.03 2.31 -13.72
C7 OLC KB . -10.27 -0.27 -14.94
C6 OLC KB . -10.63 -1.75 -15.00
C5 OLC KB . -11.77 -2.06 -15.94
C4 OLC KB . -12.31 -3.48 -15.82
C3 OLC KB . -12.77 -4.09 -17.13
C2 OLC KB . -14.16 -4.64 -17.06
C21 OLC KB . -16.81 -5.57 -19.40
C1 OLC KB . -14.80 -4.86 -18.41
O19 OLC KB . -14.20 -4.98 -19.44
O20 OLC KB . -16.12 -4.90 -18.32
P PO4 LB . 22.46 25.56 -10.26
O1 PO4 LB . 22.04 25.11 -11.65
O2 PO4 LB . 21.45 25.07 -9.23
O3 PO4 LB . 23.84 24.98 -9.93
O4 PO4 LB . 22.53 27.09 -10.22
C10 LFA MB . 2.17 3.62 4.93
C11 LFA MB . 3.61 3.21 4.69
C12 LFA MB . 4.54 3.55 5.82
C13 LFA MB . 5.83 4.23 5.40
C14 LFA MB . 6.74 4.62 6.53
C15 LFA MB . 7.99 5.36 6.11
C16 LFA MB . 9.10 5.32 7.13
C17 LFA MB . 9.99 6.55 7.13
C18 LFA MB . 11.16 6.48 8.07
C19 LFA MB . 12.09 7.67 8.02
C20 LFA MB . 13.40 7.45 8.73
C1 LFA NB . -24.34 20.71 -18.89
C2 LFA NB . -23.23 21.72 -18.70
C3 LFA NB . -22.87 21.97 -17.26
C4 LFA NB . -21.57 22.70 -17.04
C5 LFA NB . -21.31 23.09 -15.60
C6 LFA NB . -20.03 23.88 -15.40
C7 LFA NB . -18.79 23.02 -15.25
C8 LFA NB . -17.57 23.78 -14.78
C9 LFA NB . -17.84 24.82 -13.72
C10 LFA NB . -16.63 25.21 -12.91
C11 LFA NB . -16.33 24.28 -11.76
C12 LFA NB . -17.51 23.97 -10.88
C13 LFA NB . -17.15 23.51 -9.48
C14 LFA NB . -18.20 22.66 -8.80
C15 LFA NB . -19.31 23.45 -8.15
C1 LFA OB . 3.13 4.52 -19.36
C2 LFA OB . 3.41 5.38 -18.16
C3 LFA OB . 4.44 6.46 -18.42
C4 LFA OB . 4.09 7.41 -19.54
C5 LFA OB . 4.47 8.86 -19.27
C6 LFA OB . 5.94 9.10 -19.07
C7 LFA OB . 6.36 10.55 -19.19
C8 LFA OB . 7.81 10.74 -19.57
C9 LFA OB . 8.78 9.95 -18.73
C10 LFA OB . 10.13 9.72 -19.37
C11 LFA OB . 10.97 8.67 -18.68
C12 LFA OB . 12.44 8.71 -19.03
C13 LFA OB . 13.32 7.97 -18.06
C14 LFA OB . 14.79 7.98 -18.43
C15 LFA OB . 15.51 9.25 -18.07
C16 LFA OB . 15.33 9.68 -16.63
C1 LFA PB . -29.76 22.54 -9.80
C2 LFA PB . -28.25 22.65 -9.73
C3 LFA PB . -27.77 23.56 -8.62
C4 LFA PB . -26.37 24.10 -8.84
C5 LFA PB . -26.08 25.38 -8.09
C6 LFA PB . -24.74 25.99 -8.39
C1 LFA QB . -22.49 20.51 -9.56
C2 LFA QB . -23.02 21.59 -10.47
C3 LFA QB . -22.13 22.80 -10.58
C4 LFA QB . -22.59 23.83 -11.58
C5 LFA QB . -21.64 24.99 -11.79
C6 LFA QB . -22.08 25.97 -12.86
C7 LFA QB . -21.25 27.22 -12.92
C1 LFA RB . -33.17 12.56 0.80
C2 LFA RB . -32.57 13.04 2.11
C3 LFA RB . -31.32 13.87 1.92
C4 LFA RB . -30.66 14.33 3.20
C5 LFA RB . -29.45 15.21 2.99
C6 LFA RB . -28.34 14.99 3.99
C7 LFA RB . -27.05 15.69 3.64
C8 LFA RB . -26.21 16.06 4.84
C9 LFA RB . -24.72 16.04 4.58
C10 LFA RB . -24.13 17.40 4.28
C11 LFA RB . -23.54 18.10 5.48
C12 LFA RB . -22.22 17.54 5.96
C13 LFA RB . -21.92 17.80 7.42
C14 LFA RB . -20.80 16.97 7.99
C15 LFA RB . -20.39 17.36 9.39
C16 LFA RB . -19.47 18.57 9.44
#